data_6PYU
#
_entry.id   6PYU
#
_cell.length_a   90.439
_cell.length_b   108.587
_cell.length_c   142.279
_cell.angle_alpha   90.000
_cell.angle_beta   90.000
_cell.angle_gamma   90.000
#
_symmetry.space_group_name_H-M   'P 21 21 21'
#
loop_
_entity.id
_entity.type
_entity.pdbx_description
1 polymer 'Phosphatidylinositol 4,5-bisphosphate 3-kinase catalytic subunit delta isoform'
2 polymer 'Phosphatidylinositol 3-kinase regulatory subunit alpha'
3 non-polymer "(3S)-1'-(cyclopropanecarbonyl)-5-(quinoxalin-6-yl)spiro[indole-3,2'-pyrrolidin]-2(1H)-one"
4 water water
#
loop_
_entity_poly.entity_id
_entity_poly.type
_entity_poly.pdbx_seq_one_letter_code
_entity_poly.pdbx_strand_id
1 'polypeptide(L)'
;NQSVVVDFLLPTGVYLNFPVSRNANLSTIKQLLWHRAQYEPLFHMLSGPEAYVFTCINQTAEQQELEDEQRRLCDVQPFL
PVLRLVAREGDRVKKLINSQISLLIGKGLHEFDSLCDPEVNDFRAKMCQFCEEAAARRQQLGWEAWLQYSFPLQLEPSAQ
TWGPGTLRLPNRALLVNVKFEGSEESFTFQVSTKDVPLALMACALRKKATVFRQPLVEQPEDYTLQVNGRHEYLYGSYPL
CQFQYICSCLHSGLTPHLTMVHSSSILAMRDEQSNPAPQVQKPRAKPPPIPAKKPSSVSLWSLEQPFRIELIQGSKVNAD
ERMKLVVQAGLFHGNEMLCKTVSSSEVSVCSEPVWKQRLEFDINICDLPRMARLCFALYAVIEKAKKARSTKKKSKKADC
PIAWANLMLFDYKDQLKTGERCLYMWPSVPDEKGELLNPTGTVRSNPNTDSAAALLICLPEVAPHPVYYPALEKILELGR
HSECVHVTEEEQLQLREILERRGSGELYEHEKDLVWKLRHEVQEHFPEALARLLLVTKWNKHEDVAQMLYLLCSWPELPV
LSALELLDFSFPDCHVGSFAIKSLRKLTDDELFQYLLQLVQVLKYESYLDCELTKFLLDRALANRKIGHFLFWHLRSEMH
VPSVALRFGLILEAYCRGSTHHMKVLMKQGEALSKLKALNDFVKLSSQKTPKPQTKELMHLCMRQEAYLEALSHLQSPLD
PSTLLAEVCVEQCTFMDSKMKPLWIMYSNEEAGSGGSVGIIFKNGDDLRQDMLTLQMIQLMDVLWKQEGLDLRMTPYGCL
PTGDRTGLIEVVLRSDTIANIQLNKSNMAATAAFNKDALLNWLKSKNPGEALDRAIEEFTLSCAGYCVATYVLGIGDRHS
DNIMIRESGQLFHIDFGHFLGNFKTKFGINRERVPFILTYDFVHVIQQGKTNNSEKFERFRGYCERAYTILRRHGLLFLH
LFALMRAAGLPELSCSKDIQYLKDSLALGKTEEEALKHFRVKFNEALRESWKTKVNWL
;
A
2 'polypeptide(L)'
;YQQDQVVKEDNIEAVGKKLHEYNTQFQEKSREYDRLYEDYTRTSQEIQMKRTAIEAFNETIKIFEEQCQTQERYSKEYIE
KFKREGNETEIQRIMHNYEKLKSRISEIVDSRRRLEEDLKKQAAEYREIDKRMNSIKPDLIQLRKTRDQYLMWLTQKGVR
QKKLNEWLG
;
B
#
# COMPACT_ATOMS: atom_id res chain seq x y z
N ASN A 1 20.72 20.46 -22.08
CA ASN A 1 22.23 20.46 -22.05
C ASN A 1 22.70 20.37 -20.60
N GLN A 2 24.02 20.32 -20.37
CA GLN A 2 24.63 20.09 -19.03
C GLN A 2 24.31 21.29 -18.13
N SER A 3 24.96 22.44 -18.35
CA SER A 3 25.07 23.57 -17.38
C SER A 3 23.70 24.15 -17.01
N VAL A 4 23.62 24.74 -15.81
CA VAL A 4 22.45 25.53 -15.32
C VAL A 4 23.00 26.76 -14.61
N VAL A 5 22.37 27.93 -14.84
CA VAL A 5 22.71 29.18 -14.10
C VAL A 5 22.08 29.05 -12.70
N VAL A 6 22.91 29.27 -11.68
CA VAL A 6 22.56 29.18 -10.24
C VAL A 6 22.75 30.56 -9.60
N ASP A 7 21.72 30.98 -8.85
CA ASP A 7 21.69 32.18 -7.99
C ASP A 7 22.33 31.77 -6.67
N PHE A 8 23.36 32.50 -6.24
CA PHE A 8 24.04 32.32 -4.93
C PHE A 8 23.78 33.54 -4.04
N LEU A 9 23.25 33.32 -2.85
CA LEU A 9 22.93 34.38 -1.88
C LEU A 9 23.92 34.22 -0.76
N LEU A 10 24.76 35.24 -0.51
CA LEU A 10 25.81 35.19 0.53
C LEU A 10 25.30 35.92 1.76
N PRO A 11 25.84 35.56 2.94
CA PRO A 11 25.32 36.05 4.22
C PRO A 11 25.56 37.54 4.45
N THR A 12 26.42 38.15 3.63
CA THR A 12 26.71 39.59 3.62
C THR A 12 25.63 40.37 2.86
N GLY A 13 24.79 39.72 2.08
CA GLY A 13 23.73 40.35 1.30
C GLY A 13 24.09 40.33 -0.17
N VAL A 14 25.36 40.02 -0.48
CA VAL A 14 25.85 39.94 -1.89
C VAL A 14 25.22 38.72 -2.57
N TYR A 15 25.06 38.87 -3.87
CA TYR A 15 24.35 37.97 -4.77
C TYR A 15 25.23 37.76 -6.00
N LEU A 16 25.46 36.49 -6.36
CA LEU A 16 26.17 36.06 -7.58
C LEU A 16 25.25 35.15 -8.40
N ASN A 17 25.44 35.16 -9.70
CA ASN A 17 24.65 34.42 -10.72
C ASN A 17 25.69 33.96 -11.72
N PHE A 18 26.13 32.71 -11.61
CA PHE A 18 26.99 32.09 -12.64
C PHE A 18 26.58 30.66 -12.91
N PRO A 19 26.94 30.12 -14.11
CA PRO A 19 26.64 28.74 -14.47
C PRO A 19 27.58 27.68 -13.89
N VAL A 20 27.00 26.51 -13.66
CA VAL A 20 27.63 25.28 -13.08
C VAL A 20 26.99 24.09 -13.77
N SER A 21 27.71 22.96 -13.79
CA SER A 21 27.26 21.66 -14.35
C SER A 21 26.22 21.06 -13.40
N ARG A 22 25.07 20.66 -13.95
CA ARG A 22 24.03 19.82 -13.30
C ARG A 22 24.66 18.66 -12.51
N ASN A 23 25.75 18.07 -13.02
CA ASN A 23 26.39 16.85 -12.47
C ASN A 23 27.32 17.19 -11.31
N ALA A 24 27.61 18.47 -11.08
CA ALA A 24 28.61 18.90 -10.08
C ALA A 24 28.03 18.75 -8.69
N ASN A 25 28.77 18.10 -7.80
CA ASN A 25 28.42 17.94 -6.37
C ASN A 25 28.57 19.28 -5.65
N LEU A 26 27.95 19.44 -4.49
CA LEU A 26 27.85 20.76 -3.81
C LEU A 26 29.21 21.20 -3.28
N SER A 27 30.10 20.27 -2.94
CA SER A 27 31.50 20.57 -2.56
C SER A 27 32.21 21.30 -3.72
N THR A 28 32.09 20.78 -4.94
CA THR A 28 32.67 21.39 -6.17
C THR A 28 32.07 22.80 -6.37
N ILE A 29 30.77 22.96 -6.11
CA ILE A 29 30.09 24.26 -6.32
C ILE A 29 30.53 25.27 -5.24
N LYS A 30 30.83 24.84 -4.01
CA LYS A 30 31.38 25.76 -2.99
C LYS A 30 32.66 26.43 -3.52
N GLN A 31 33.61 25.62 -3.98
CA GLN A 31 34.94 26.07 -4.49
C GLN A 31 34.78 27.08 -5.63
N LEU A 32 33.94 26.80 -6.63
CA LEU A 32 33.74 27.70 -7.79
C LEU A 32 33.17 29.02 -7.25
N LEU A 33 32.26 28.93 -6.27
CA LEU A 33 31.57 30.12 -5.68
C LEU A 33 32.63 30.95 -4.96
N TRP A 34 33.45 30.33 -4.11
CA TRP A 34 34.51 31.09 -3.38
C TRP A 34 35.50 31.70 -4.34
N HIS A 35 35.89 30.95 -5.38
CA HIS A 35 36.80 31.45 -6.44
C HIS A 35 36.20 32.70 -7.08
N ARG A 36 34.87 32.77 -7.30
CA ARG A 36 34.22 33.96 -7.95
C ARG A 36 33.87 35.04 -6.91
N ALA A 37 33.60 34.65 -5.66
CA ALA A 37 33.17 35.60 -4.60
C ALA A 37 34.33 36.54 -4.25
N GLN A 38 35.58 36.06 -4.30
CA GLN A 38 36.79 36.89 -4.01
C GLN A 38 36.89 38.10 -4.94
N TYR A 39 36.28 38.05 -6.13
CA TYR A 39 36.22 39.19 -7.07
C TYR A 39 34.91 39.99 -6.94
N GLU A 40 34.24 39.92 -5.78
CA GLU A 40 32.94 40.58 -5.52
C GLU A 40 33.05 41.27 -4.18
N PRO A 41 32.24 42.32 -3.90
CA PRO A 41 32.36 43.04 -2.64
C PRO A 41 32.10 42.17 -1.41
N LEU A 42 32.72 42.61 -0.31
CA LEU A 42 32.53 42.18 1.09
C LEU A 42 33.03 40.76 1.28
N PHE A 43 33.92 40.33 0.38
CA PHE A 43 34.48 38.97 0.46
C PHE A 43 35.17 38.81 1.82
N HIS A 44 36.03 39.75 2.18
CA HIS A 44 36.92 39.69 3.37
C HIS A 44 36.16 39.47 4.66
N MET A 45 34.87 39.84 4.67
CA MET A 45 33.97 39.70 5.84
C MET A 45 33.62 38.22 6.08
N LEU A 46 33.55 37.42 5.02
CA LEU A 46 33.11 36.00 5.05
C LEU A 46 34.10 35.16 5.84
N SER A 47 33.59 34.13 6.49
CA SER A 47 34.39 33.04 7.10
C SER A 47 34.76 32.08 5.98
N GLY A 48 35.43 30.99 6.32
CA GLY A 48 35.87 29.96 5.35
C GLY A 48 34.70 29.12 4.83
N PRO A 49 34.86 28.54 3.61
CA PRO A 49 33.85 27.70 2.96
C PRO A 49 33.15 26.67 3.86
N GLU A 50 33.92 26.02 4.71
CA GLU A 50 33.50 24.92 5.61
C GLU A 50 32.70 25.46 6.78
N ALA A 51 32.72 26.78 7.04
CA ALA A 51 31.91 27.42 8.10
C ALA A 51 30.46 27.64 7.66
N TYR A 52 30.10 27.36 6.39
CA TYR A 52 28.72 27.56 5.86
C TYR A 52 28.20 26.29 5.18
N VAL A 53 26.88 26.22 5.12
CA VAL A 53 26.09 25.11 4.52
C VAL A 53 25.15 25.79 3.52
N PHE A 54 24.96 25.13 2.40
CA PHE A 54 24.01 25.54 1.36
C PHE A 54 22.60 25.21 1.87
N THR A 55 21.70 26.14 1.58
CA THR A 55 20.23 26.03 1.76
C THR A 55 19.60 26.21 0.37
N CYS A 56 18.66 25.35 0.03
CA CYS A 56 17.79 25.48 -1.15
C CYS A 56 16.33 25.31 -0.73
N ILE A 57 15.43 25.55 -1.68
CA ILE A 57 14.00 25.14 -1.61
C ILE A 57 13.88 23.87 -2.46
N ASN A 58 13.62 22.72 -1.83
CA ASN A 58 13.47 21.43 -2.55
C ASN A 58 12.06 21.31 -3.17
N GLN A 59 11.81 20.19 -3.87
CA GLN A 59 10.63 19.95 -4.75
C GLN A 59 9.36 19.91 -3.88
N THR A 60 9.49 19.53 -2.61
CA THR A 60 8.36 19.44 -1.63
C THR A 60 8.08 20.81 -0.99
N ALA A 61 8.65 21.91 -1.52
CA ALA A 61 8.50 23.32 -1.09
C ALA A 61 9.13 23.62 0.28
N GLU A 62 9.99 22.78 0.84
CA GLU A 62 10.61 23.06 2.16
C GLU A 62 12.04 23.56 1.99
N GLN A 63 12.53 24.33 2.96
CA GLN A 63 13.96 24.74 3.05
C GLN A 63 14.73 23.52 3.50
N GLN A 64 15.84 23.24 2.82
CA GLN A 64 16.69 22.07 3.12
C GLN A 64 18.14 22.56 3.26
N GLU A 65 18.71 22.40 4.45
CA GLU A 65 20.16 22.55 4.68
C GLU A 65 20.89 21.33 4.09
N LEU A 66 21.73 21.55 3.08
CA LEU A 66 22.41 20.46 2.31
C LEU A 66 23.78 20.14 2.92
N GLU A 67 23.74 19.51 4.10
CA GLU A 67 24.90 19.02 4.88
C GLU A 67 25.75 18.00 4.10
N ASP A 68 25.16 17.14 3.26
CA ASP A 68 25.95 16.19 2.44
C ASP A 68 26.31 16.89 1.14
N GLU A 69 27.56 17.35 1.06
CA GLU A 69 28.10 18.09 -0.09
C GLU A 69 28.74 17.16 -1.13
N GLN A 70 28.66 15.84 -0.96
CA GLN A 70 29.08 14.88 -2.03
C GLN A 70 27.91 14.56 -2.97
N ARG A 71 26.88 15.39 -2.99
CA ARG A 71 25.62 15.15 -3.72
C ARG A 71 25.59 16.07 -4.92
N ARG A 72 25.13 15.54 -6.04
CA ARG A 72 25.12 16.28 -7.31
C ARG A 72 23.94 17.24 -7.22
N LEU A 73 24.11 18.43 -7.76
CA LEU A 73 23.03 19.42 -7.88
C LEU A 73 21.78 18.76 -8.47
N CYS A 74 21.94 17.88 -9.46
CA CYS A 74 20.82 17.23 -10.20
C CYS A 74 20.10 16.26 -9.26
N ASP A 75 20.82 15.60 -8.36
CA ASP A 75 20.23 14.72 -7.32
C ASP A 75 19.40 15.57 -6.32
N VAL A 76 19.97 16.68 -5.87
CA VAL A 76 19.38 17.63 -4.89
C VAL A 76 18.06 18.19 -5.42
N GLN A 77 18.03 18.51 -6.71
CA GLN A 77 16.80 18.84 -7.48
C GLN A 77 16.07 19.95 -6.74
N PRO A 78 16.70 21.13 -6.56
CA PRO A 78 16.05 22.24 -5.86
C PRO A 78 14.96 22.81 -6.75
N PHE A 79 14.02 23.56 -6.19
CA PHE A 79 12.86 24.03 -6.96
C PHE A 79 13.37 24.90 -8.11
N LEU A 80 14.04 25.98 -7.77
CA LEU A 80 14.74 26.85 -8.73
C LEU A 80 16.22 26.85 -8.34
N PRO A 81 17.15 27.05 -9.29
CA PRO A 81 18.57 26.92 -9.00
C PRO A 81 19.01 28.11 -8.14
N VAL A 82 18.73 28.02 -6.84
CA VAL A 82 18.97 29.08 -5.81
C VAL A 82 19.64 28.41 -4.63
N LEU A 83 20.80 28.93 -4.25
CA LEU A 83 21.58 28.40 -3.10
C LEU A 83 21.95 29.55 -2.18
N ARG A 84 21.61 29.41 -0.91
CA ARG A 84 21.85 30.41 0.16
C ARG A 84 22.92 29.87 1.13
N LEU A 85 23.89 30.72 1.44
CA LEU A 85 24.89 30.36 2.48
C LEU A 85 24.35 30.78 3.85
N VAL A 86 24.26 29.85 4.76
CA VAL A 86 23.84 30.09 6.16
C VAL A 86 24.91 29.45 7.05
N ALA A 87 24.90 29.76 8.35
CA ALA A 87 25.76 29.14 9.39
C ALA A 87 25.38 27.67 9.56
N ARG A 88 26.36 26.85 9.94
CA ARG A 88 26.15 25.51 10.58
C ARG A 88 25.84 25.74 12.06
N GLU A 89 24.56 25.79 12.44
CA GLU A 89 24.09 26.20 13.79
C GLU A 89 22.91 25.34 14.28
N GLY A 90 22.70 25.31 15.60
CA GLY A 90 21.54 24.66 16.22
C GLY A 90 21.61 23.15 16.08
N ASP A 91 20.47 22.49 16.23
CA ASP A 91 20.40 21.01 16.15
C ASP A 91 20.41 20.61 14.67
N ARG A 92 21.60 20.23 14.16
CA ARG A 92 21.78 19.84 12.74
C ARG A 92 21.15 18.45 12.49
N VAL A 93 21.08 17.62 13.52
CA VAL A 93 20.51 16.23 13.50
C VAL A 93 19.00 16.32 13.19
N LYS A 94 18.25 17.04 14.02
CA LYS A 94 16.80 17.34 13.85
C LYS A 94 16.53 17.91 12.44
N LYS A 95 17.32 18.89 11.99
CA LYS A 95 17.12 19.59 10.69
C LYS A 95 17.36 18.63 9.52
N LEU A 96 18.35 17.72 9.62
CA LEU A 96 18.66 16.75 8.54
C LEU A 96 17.55 15.70 8.40
N ILE A 97 17.10 15.10 9.52
CA ILE A 97 16.07 14.03 9.53
C ILE A 97 14.77 14.63 8.99
N ASN A 98 14.37 15.81 9.48
CA ASN A 98 13.08 16.45 9.11
C ASN A 98 13.01 16.62 7.58
N SER A 99 14.13 16.99 6.98
CA SER A 99 14.35 17.18 5.53
C SER A 99 14.29 15.85 4.78
N GLN A 100 14.93 14.82 5.31
CA GLN A 100 14.97 13.48 4.69
C GLN A 100 13.57 12.86 4.72
N ILE A 101 12.86 12.95 5.85
CA ILE A 101 11.50 12.36 5.99
C ILE A 101 10.63 12.91 4.84
N SER A 102 10.56 14.24 4.67
CA SER A 102 9.75 14.96 3.66
C SER A 102 9.99 14.40 2.26
N LEU A 103 11.25 14.29 1.87
CA LEU A 103 11.64 13.75 0.54
C LEU A 103 11.25 12.27 0.38
N LEU A 104 11.42 11.50 1.46
CA LEU A 104 11.27 10.04 1.49
C LEU A 104 9.79 9.68 1.44
N ILE A 105 8.95 10.36 2.22
CA ILE A 105 7.52 9.97 2.33
C ILE A 105 6.73 10.63 1.21
N GLY A 106 7.36 11.43 0.35
CA GLY A 106 6.71 12.16 -0.76
C GLY A 106 6.16 13.50 -0.30
N LYS A 107 5.35 13.51 0.78
CA LYS A 107 4.71 14.71 1.36
C LYS A 107 5.68 15.45 2.30
N GLY A 108 5.75 16.77 2.15
CA GLY A 108 6.51 17.65 3.06
C GLY A 108 5.83 17.87 4.40
N LEU A 109 6.60 17.84 5.49
CA LEU A 109 6.13 17.92 6.90
C LEU A 109 5.36 19.22 7.15
N HIS A 110 5.77 20.31 6.50
CA HIS A 110 5.14 21.65 6.64
C HIS A 110 3.64 21.52 6.35
N GLU A 111 3.25 20.63 5.42
CA GLU A 111 1.83 20.45 5.01
C GLU A 111 0.97 19.91 6.16
N PHE A 112 1.58 19.26 7.15
CA PHE A 112 0.92 18.87 8.43
C PHE A 112 0.69 20.12 9.31
N ASP A 113 1.67 21.03 9.39
CA ASP A 113 1.55 22.27 10.19
C ASP A 113 0.44 23.17 9.62
N SER A 114 0.47 23.44 8.31
CA SER A 114 -0.51 24.26 7.53
C SER A 114 -1.97 23.92 7.89
N LEU A 115 -2.26 22.68 8.25
CA LEU A 115 -3.61 22.21 8.66
C LEU A 115 -4.07 22.93 9.94
N CYS A 116 -3.16 23.40 10.80
CA CYS A 116 -3.52 24.00 12.11
C CYS A 116 -4.57 23.07 12.74
N ASP A 117 -4.23 21.78 12.86
CA ASP A 117 -5.11 20.71 13.39
C ASP A 117 -4.48 20.14 14.65
N PRO A 118 -5.12 20.34 15.84
CA PRO A 118 -4.62 19.74 17.08
C PRO A 118 -4.42 18.23 16.95
N GLU A 119 -5.38 17.54 16.30
CA GLU A 119 -5.39 16.05 16.20
C GLU A 119 -4.10 15.58 15.49
N VAL A 120 -3.67 16.32 14.47
CA VAL A 120 -2.40 16.07 13.72
C VAL A 120 -1.23 16.43 14.63
N ASN A 121 -1.31 17.58 15.27
CA ASN A 121 -0.28 18.08 16.20
C ASN A 121 -0.05 17.07 17.33
N ASP A 122 -1.09 16.42 17.84
CA ASP A 122 -0.94 15.53 19.02
C ASP A 122 -0.41 14.19 18.54
N PHE A 123 -0.85 13.75 17.36
CA PHE A 123 -0.36 12.47 16.76
C PHE A 123 1.16 12.58 16.59
N ARG A 124 1.64 13.65 15.95
CA ARG A 124 3.09 13.85 15.64
C ARG A 124 3.89 13.88 16.94
N ALA A 125 3.47 14.70 17.90
CA ALA A 125 4.10 14.81 19.24
C ALA A 125 4.17 13.43 19.88
N LYS A 126 3.04 12.76 20.05
CA LYS A 126 2.96 11.50 20.85
C LYS A 126 3.75 10.39 20.17
N MET A 127 3.64 10.26 18.84
CA MET A 127 4.08 9.05 18.09
C MET A 127 5.56 9.16 17.74
N CYS A 128 6.01 10.37 17.45
CA CYS A 128 7.43 10.66 17.16
C CYS A 128 8.23 10.41 18.45
N GLN A 129 7.74 10.88 19.61
CA GLN A 129 8.37 10.63 20.95
C GLN A 129 8.54 9.12 21.18
N PHE A 130 7.46 8.37 20.94
CA PHE A 130 7.36 6.92 21.20
C PHE A 130 8.34 6.11 20.32
N CYS A 131 8.40 6.46 19.04
CA CYS A 131 9.34 5.90 18.04
C CYS A 131 10.79 6.28 18.33
N GLU A 132 11.05 7.53 18.73
CA GLU A 132 12.43 7.97 19.09
C GLU A 132 12.90 7.20 20.35
N GLU A 133 12.03 7.01 21.36
CA GLU A 133 12.39 6.29 22.62
C GLU A 133 12.74 4.85 22.25
N ALA A 134 11.85 4.19 21.52
CA ALA A 134 12.05 2.77 21.12
C ALA A 134 13.39 2.60 20.36
N ALA A 135 13.79 3.60 19.58
CA ALA A 135 15.02 3.57 18.76
C ALA A 135 16.26 3.91 19.63
N ALA A 136 16.12 4.81 20.59
CA ALA A 136 17.16 5.10 21.61
C ALA A 136 17.38 3.85 22.43
N ARG A 137 16.30 3.29 22.99
CA ARG A 137 16.36 2.04 23.79
C ARG A 137 17.09 0.97 22.98
N ARG A 138 16.69 0.80 21.72
CA ARG A 138 17.29 -0.16 20.77
C ARG A 138 18.81 0.05 20.64
N GLN A 139 19.30 1.29 20.68
CA GLN A 139 20.74 1.60 20.42
C GLN A 139 21.62 1.07 21.59
N GLN A 140 21.06 0.99 22.81
CA GLN A 140 21.73 0.48 24.04
C GLN A 140 22.18 -0.97 23.86
N LEU A 141 21.24 -1.88 23.60
CA LEU A 141 21.37 -3.35 23.82
C LEU A 141 22.34 -4.01 22.83
N GLY A 142 22.64 -5.29 23.06
CA GLY A 142 23.84 -6.01 22.55
C GLY A 142 23.66 -6.64 21.20
N TRP A 143 24.64 -6.40 20.31
CA TRP A 143 24.76 -6.78 18.87
C TRP A 143 23.81 -7.92 18.50
N GLU A 144 23.71 -8.96 19.34
CA GLU A 144 22.77 -10.10 19.16
C GLU A 144 21.33 -9.55 19.01
N ALA A 145 20.86 -8.75 19.97
CA ALA A 145 19.50 -8.16 19.96
C ALA A 145 19.38 -7.32 18.68
N TRP A 146 20.35 -6.43 18.46
CA TRP A 146 20.38 -5.58 17.25
C TRP A 146 20.40 -6.41 15.96
N LEU A 147 21.00 -7.60 15.97
CA LEU A 147 21.03 -8.49 14.79
C LEU A 147 19.64 -9.11 14.61
N GLN A 148 18.94 -9.37 15.71
CA GLN A 148 17.56 -9.92 15.73
C GLN A 148 16.60 -8.86 15.16
N TYR A 149 16.87 -7.59 15.46
CA TYR A 149 16.08 -6.44 14.96
C TYR A 149 16.36 -6.24 13.47
N SER A 150 17.64 -6.15 13.13
CA SER A 150 18.08 -5.71 11.79
C SER A 150 17.87 -6.83 10.76
N PHE A 151 18.20 -8.07 11.13
CA PHE A 151 18.21 -9.23 10.20
C PHE A 151 17.58 -10.42 10.90
N PRO A 152 16.24 -10.38 11.11
CA PRO A 152 15.54 -11.50 11.74
C PRO A 152 15.68 -12.76 10.87
N LEU A 153 15.61 -13.91 11.51
CA LEU A 153 15.79 -15.20 10.81
C LEU A 153 14.68 -15.47 9.79
N GLN A 154 15.12 -15.91 8.64
CA GLN A 154 14.36 -16.52 7.54
C GLN A 154 14.36 -18.04 7.76
N LEU A 155 13.26 -18.56 8.29
CA LEU A 155 13.05 -20.00 8.57
C LEU A 155 11.97 -20.56 7.64
N GLU A 156 12.10 -21.85 7.32
CA GLU A 156 11.06 -22.74 6.72
C GLU A 156 9.90 -22.89 7.70
N PRO A 157 8.64 -23.00 7.22
CA PRO A 157 7.50 -23.18 8.12
C PRO A 157 7.48 -24.40 9.06
N SER A 158 8.51 -25.25 9.06
CA SER A 158 8.85 -26.18 10.19
C SER A 158 8.64 -25.47 11.54
N ALA A 159 9.14 -24.22 11.66
CA ALA A 159 8.88 -23.31 12.81
C ALA A 159 7.49 -22.67 12.69
N PRO A 170 13.97 -35.26 8.11
CA PRO A 170 15.20 -35.78 7.50
C PRO A 170 16.50 -35.30 8.17
N ASN A 171 17.30 -36.29 8.61
CA ASN A 171 18.50 -36.17 9.48
C ASN A 171 19.71 -36.65 8.69
N ARG A 172 19.91 -36.10 7.49
CA ARG A 172 21.06 -36.37 6.59
C ARG A 172 22.27 -35.59 7.13
N ALA A 173 23.35 -35.53 6.37
CA ALA A 173 24.55 -34.72 6.67
C ALA A 173 25.20 -34.28 5.35
N LEU A 174 25.63 -33.02 5.25
CA LEU A 174 26.26 -32.48 4.01
C LEU A 174 27.30 -31.40 4.34
N LEU A 175 28.10 -31.09 3.31
CA LEU A 175 29.34 -30.26 3.37
C LEU A 175 28.95 -28.78 3.27
N VAL A 176 29.73 -27.91 3.89
CA VAL A 176 29.45 -26.45 3.99
C VAL A 176 30.76 -25.66 3.90
N ASN A 177 30.93 -24.84 2.86
CA ASN A 177 32.07 -23.89 2.70
C ASN A 177 31.94 -22.74 3.70
N VAL A 178 32.99 -22.51 4.49
CA VAL A 178 33.05 -21.46 5.56
C VAL A 178 34.35 -20.65 5.40
N LYS A 179 34.26 -19.33 5.57
CA LYS A 179 35.42 -18.39 5.58
C LYS A 179 35.24 -17.39 6.72
N PHE A 180 36.20 -16.47 6.87
CA PHE A 180 36.22 -15.42 7.92
C PHE A 180 36.22 -14.06 7.22
N GLU A 181 35.91 -13.03 7.99
CA GLU A 181 35.69 -11.66 7.51
C GLU A 181 37.07 -11.06 7.18
N GLY A 182 37.31 -10.71 5.90
CA GLY A 182 38.57 -10.11 5.42
C GLY A 182 39.66 -11.16 5.31
N SER A 183 39.43 -12.17 4.48
CA SER A 183 40.32 -13.35 4.26
C SER A 183 39.82 -14.12 3.03
N GLU A 184 40.73 -14.36 2.07
CA GLU A 184 40.47 -15.10 0.81
C GLU A 184 40.32 -16.60 1.08
N GLU A 185 41.01 -17.16 2.09
CA GLU A 185 41.05 -18.63 2.35
C GLU A 185 39.77 -19.06 3.09
N SER A 186 39.39 -20.32 2.86
CA SER A 186 38.09 -20.93 3.27
C SER A 186 38.26 -22.41 3.64
N PHE A 187 37.31 -22.92 4.43
CA PHE A 187 37.25 -24.29 4.98
C PHE A 187 35.96 -24.95 4.49
N THR A 188 36.07 -26.09 3.79
CA THR A 188 34.94 -26.98 3.45
C THR A 188 34.95 -28.16 4.43
N PHE A 189 33.79 -28.54 4.97
CA PHE A 189 33.66 -29.72 5.86
C PHE A 189 32.20 -30.11 6.08
N GLN A 190 31.95 -31.42 6.27
CA GLN A 190 30.62 -32.03 6.53
C GLN A 190 30.17 -31.64 7.93
N VAL A 191 28.88 -31.37 8.08
CA VAL A 191 28.14 -31.29 9.37
C VAL A 191 26.74 -31.85 9.11
N SER A 192 25.97 -32.05 10.18
CA SER A 192 24.64 -32.71 10.09
C SER A 192 23.59 -31.69 9.67
N THR A 193 22.58 -32.13 8.92
CA THR A 193 21.34 -31.35 8.67
C THR A 193 20.76 -30.86 10.00
N LYS A 194 20.89 -31.61 11.11
CA LYS A 194 20.24 -31.28 12.41
C LYS A 194 21.26 -30.66 13.38
N ASP A 195 22.45 -30.25 12.90
CA ASP A 195 23.42 -29.48 13.74
C ASP A 195 22.92 -28.04 13.90
N VAL A 196 22.86 -27.54 15.15
CA VAL A 196 22.55 -26.11 15.48
C VAL A 196 23.70 -25.25 14.97
N PRO A 197 23.54 -23.92 14.80
CA PRO A 197 24.55 -23.14 14.08
C PRO A 197 25.83 -22.88 14.88
N LEU A 198 25.75 -22.69 16.22
CA LEU A 198 26.94 -22.61 17.14
C LEU A 198 27.95 -23.74 16.85
N ALA A 199 27.49 -24.99 16.73
CA ALA A 199 28.38 -26.15 16.45
C ALA A 199 29.16 -25.94 15.15
N LEU A 200 28.57 -25.30 14.14
CA LEU A 200 29.25 -25.04 12.84
C LEU A 200 30.36 -24.01 13.09
N MET A 201 30.06 -23.03 13.94
CA MET A 201 31.01 -21.93 14.29
C MET A 201 32.21 -22.56 15.03
N ALA A 202 31.97 -23.28 16.13
CA ALA A 202 33.03 -23.99 16.92
C ALA A 202 33.99 -24.79 16.01
N CYS A 203 33.46 -25.47 15.00
CA CYS A 203 34.22 -26.36 14.09
C CYS A 203 35.19 -25.55 13.23
N ALA A 204 34.76 -24.41 12.69
CA ALA A 204 35.60 -23.56 11.82
C ALA A 204 36.60 -22.75 12.66
N LEU A 205 36.29 -22.50 13.95
CA LEU A 205 37.21 -21.87 14.94
C LEU A 205 38.40 -22.81 15.20
N ARG A 206 38.12 -24.08 15.50
CA ARG A 206 39.16 -25.10 15.83
C ARG A 206 39.99 -25.35 14.57
N LYS A 207 39.33 -25.42 13.40
CA LYS A 207 39.99 -25.64 12.09
C LYS A 207 40.86 -24.42 11.72
N LYS A 208 40.51 -23.21 12.15
CA LYS A 208 41.33 -21.98 11.94
C LYS A 208 42.62 -22.09 12.75
N ALA A 209 42.53 -22.49 14.03
CA ALA A 209 43.68 -22.60 14.96
C ALA A 209 44.56 -23.78 14.54
N THR A 210 43.92 -24.95 14.40
CA THR A 210 44.53 -26.25 13.98
C THR A 210 44.88 -26.22 12.47
N GLN A 219 34.59 -18.11 23.52
CA GLN A 219 35.39 -17.68 22.34
C GLN A 219 34.59 -17.75 21.03
N PRO A 220 33.86 -18.85 20.67
CA PRO A 220 33.09 -18.90 19.42
C PRO A 220 31.66 -18.35 19.40
N GLU A 221 31.12 -17.92 20.55
CA GLU A 221 29.78 -17.28 20.71
C GLU A 221 29.90 -15.79 20.42
N ASP A 222 31.10 -15.25 20.21
CA ASP A 222 31.31 -13.84 19.82
C ASP A 222 31.51 -13.81 18.30
N TYR A 223 30.81 -14.72 17.61
CA TYR A 223 30.64 -14.72 16.13
C TYR A 223 29.17 -14.93 15.75
N THR A 224 28.90 -14.75 14.46
CA THR A 224 27.63 -15.13 13.80
C THR A 224 27.95 -15.62 12.38
N LEU A 225 26.99 -16.27 11.75
CA LEU A 225 27.21 -16.81 10.39
C LEU A 225 26.40 -15.97 9.40
N GLN A 226 27.08 -15.36 8.44
CA GLN A 226 26.46 -14.55 7.37
C GLN A 226 26.38 -15.40 6.11
N VAL A 227 25.19 -15.57 5.58
CA VAL A 227 25.02 -16.07 4.18
C VAL A 227 25.66 -14.99 3.30
N ASN A 228 26.76 -15.28 2.64
CA ASN A 228 27.57 -14.19 2.02
C ASN A 228 27.05 -13.80 0.63
N GLY A 229 27.32 -12.54 0.28
CA GLY A 229 26.61 -11.77 -0.77
C GLY A 229 25.21 -11.36 -0.35
N ARG A 230 24.91 -11.35 0.96
CA ARG A 230 23.53 -11.19 1.52
C ARG A 230 23.57 -10.74 2.99
N HIS A 231 22.52 -10.05 3.43
CA HIS A 231 22.26 -9.79 4.87
C HIS A 231 21.26 -10.83 5.38
N GLU A 232 21.61 -12.11 5.28
CA GLU A 232 20.88 -13.25 5.91
C GLU A 232 21.82 -13.95 6.89
N TYR A 233 21.54 -13.84 8.17
CA TYR A 233 22.42 -14.30 9.26
C TYR A 233 21.79 -15.56 9.89
N LEU A 234 22.64 -16.47 10.36
CA LEU A 234 22.30 -17.79 10.96
C LEU A 234 22.72 -17.77 12.44
N TYR A 235 21.76 -17.96 13.33
CA TYR A 235 21.97 -17.82 14.80
C TYR A 235 20.80 -18.42 15.58
N GLY A 236 20.95 -18.50 16.89
CA GLY A 236 19.87 -18.92 17.80
C GLY A 236 19.73 -20.43 17.80
N SER A 237 18.78 -20.93 18.60
CA SER A 237 18.57 -22.37 18.90
C SER A 237 17.64 -22.94 17.83
N TYR A 238 18.21 -23.40 16.71
CA TYR A 238 17.49 -23.89 15.50
C TYR A 238 18.45 -24.70 14.64
N PRO A 239 18.04 -25.86 14.09
CA PRO A 239 18.97 -26.68 13.32
C PRO A 239 19.12 -26.16 11.89
N LEU A 240 20.22 -26.53 11.26
CA LEU A 240 20.69 -25.95 9.98
C LEU A 240 19.56 -26.05 8.94
N CYS A 241 18.87 -27.19 8.83
CA CYS A 241 17.86 -27.49 7.79
C CYS A 241 16.63 -26.57 7.91
N GLN A 242 16.31 -26.02 9.10
CA GLN A 242 15.14 -25.11 9.31
C GLN A 242 15.41 -23.73 8.69
N PHE A 243 16.66 -23.37 8.39
CA PHE A 243 17.02 -22.07 7.74
C PHE A 243 16.76 -22.16 6.24
N GLN A 244 16.17 -21.11 5.65
CA GLN A 244 15.74 -21.10 4.22
C GLN A 244 16.97 -21.24 3.32
N TYR A 245 18.09 -20.63 3.66
CA TYR A 245 19.29 -20.69 2.77
C TYR A 245 19.74 -22.15 2.69
N ILE A 246 19.80 -22.82 3.85
CA ILE A 246 20.27 -24.23 3.98
C ILE A 246 19.32 -25.15 3.18
N CYS A 247 18.06 -25.13 3.58
CA CYS A 247 16.94 -25.93 3.03
C CYS A 247 16.91 -25.84 1.50
N SER A 248 17.08 -24.61 0.98
CA SER A 248 17.19 -24.29 -0.47
C SER A 248 18.41 -25.00 -1.06
N CYS A 249 19.56 -24.88 -0.39
CA CYS A 249 20.87 -25.50 -0.78
C CYS A 249 20.79 -27.04 -0.76
N LEU A 250 20.33 -27.64 0.36
CA LEU A 250 20.06 -29.11 0.48
C LEU A 250 19.28 -29.60 -0.75
N HIS A 251 18.12 -28.98 -1.02
CA HIS A 251 17.15 -29.34 -2.07
C HIS A 251 17.84 -29.33 -3.45
N SER A 252 18.57 -28.26 -3.80
CA SER A 252 19.26 -28.15 -5.12
C SER A 252 20.49 -29.08 -5.16
N GLY A 253 20.97 -29.54 -4.01
CA GLY A 253 22.23 -30.31 -3.89
C GLY A 253 23.48 -29.43 -3.99
N LEU A 254 23.33 -28.10 -3.98
CA LEU A 254 24.45 -27.12 -4.02
C LEU A 254 24.98 -26.92 -2.60
N THR A 255 26.27 -26.60 -2.47
CA THR A 255 26.99 -26.44 -1.18
C THR A 255 26.71 -25.04 -0.64
N PRO A 256 26.23 -24.89 0.61
CA PRO A 256 26.07 -23.55 1.19
C PRO A 256 27.46 -22.92 1.34
N HIS A 257 27.54 -21.60 1.18
CA HIS A 257 28.75 -20.77 1.38
C HIS A 257 28.45 -19.75 2.47
N LEU A 258 29.16 -19.86 3.60
CA LEU A 258 29.01 -18.95 4.76
C LEU A 258 30.27 -18.11 5.01
N THR A 259 30.13 -17.20 5.97
CA THR A 259 31.16 -16.26 6.43
C THR A 259 30.97 -16.07 7.94
N MET A 260 32.02 -16.32 8.71
CA MET A 260 32.04 -16.03 10.17
C MET A 260 32.26 -14.53 10.30
N VAL A 261 31.54 -13.89 11.22
CA VAL A 261 31.54 -12.41 11.42
C VAL A 261 31.56 -12.17 12.94
N HIS A 262 32.53 -11.36 13.37
CA HIS A 262 32.86 -11.13 14.79
C HIS A 262 31.94 -10.02 15.37
N SER A 263 31.43 -10.23 16.58
CA SER A 263 30.48 -9.34 17.27
C SER A 263 30.79 -7.84 17.02
N SER A 264 32.05 -7.44 17.22
CA SER A 264 32.56 -6.06 17.04
C SER A 264 32.21 -5.50 15.63
N SER A 265 32.22 -6.34 14.59
CA SER A 265 31.81 -5.99 13.21
C SER A 265 30.29 -5.79 13.12
N ILE A 266 29.50 -6.34 14.06
CA ILE A 266 28.02 -6.09 14.12
C ILE A 266 27.76 -4.79 14.90
N LEU A 267 28.54 -4.53 15.96
CA LEU A 267 28.53 -3.22 16.65
C LEU A 267 28.96 -2.13 15.66
N ALA A 268 29.89 -2.41 14.74
CA ALA A 268 30.27 -1.45 13.68
C ALA A 268 28.98 -0.99 12.96
N MET A 269 28.12 -1.92 12.52
CA MET A 269 26.84 -1.61 11.81
C MET A 269 25.86 -0.84 12.71
N ARG A 270 25.55 -1.37 13.89
CA ARG A 270 24.70 -0.67 14.91
C ARG A 270 25.17 0.79 15.11
N ASP A 271 26.48 1.04 15.16
CA ASP A 271 27.09 2.38 15.48
C ASP A 271 27.07 3.30 14.26
N GLU A 272 27.44 2.79 13.08
CA GLU A 272 27.32 3.50 11.77
C GLU A 272 27.29 2.47 10.63
N VAL A 298 -20.73 18.70 32.52
CA VAL A 298 -22.08 18.07 32.36
C VAL A 298 -21.90 16.66 31.75
N SER A 299 -22.74 15.71 32.17
CA SER A 299 -22.81 14.31 31.67
C SER A 299 -23.53 14.26 30.32
N LEU A 300 -23.19 13.29 29.46
CA LEU A 300 -23.77 13.15 28.07
C LEU A 300 -25.18 12.54 28.18
N TRP A 301 -25.41 11.67 29.17
CA TRP A 301 -26.66 10.87 29.27
C TRP A 301 -27.81 11.70 29.85
N SER A 302 -27.53 12.92 30.32
CA SER A 302 -28.53 13.92 30.79
C SER A 302 -29.20 14.68 29.63
N LEU A 303 -28.66 14.67 28.40
CA LEU A 303 -29.15 15.51 27.27
C LEU A 303 -30.20 14.78 26.43
N GLU A 304 -31.47 14.77 26.88
CA GLU A 304 -32.57 13.97 26.26
C GLU A 304 -33.20 14.70 25.07
N GLN A 305 -32.72 15.90 24.71
CA GLN A 305 -33.19 16.68 23.53
C GLN A 305 -32.69 16.00 22.25
N PRO A 306 -33.52 15.83 21.18
CA PRO A 306 -33.10 15.10 19.99
C PRO A 306 -31.88 15.74 19.30
N PHE A 307 -31.10 14.94 18.57
CA PHE A 307 -29.88 15.38 17.84
C PHE A 307 -30.29 16.12 16.56
N ARG A 308 -29.64 17.26 16.27
CA ARG A 308 -30.01 18.10 15.09
C ARG A 308 -28.80 18.84 14.52
N ILE A 309 -28.90 19.22 13.24
CA ILE A 309 -27.93 20.13 12.56
C ILE A 309 -28.69 21.26 11.86
N GLU A 310 -28.01 22.40 11.71
CA GLU A 310 -28.35 23.43 10.69
C GLU A 310 -27.49 23.15 9.45
N LEU A 311 -28.12 22.63 8.41
CA LEU A 311 -27.62 22.73 7.02
C LEU A 311 -27.72 24.20 6.59
N ILE A 312 -26.62 24.79 6.15
CA ILE A 312 -26.58 26.26 5.85
C ILE A 312 -26.40 26.43 4.33
N GLN A 313 -25.27 26.00 3.80
CA GLN A 313 -24.87 26.32 2.42
C GLN A 313 -24.05 25.16 1.82
N GLY A 314 -24.15 25.01 0.49
CA GLY A 314 -23.20 24.28 -0.36
C GLY A 314 -22.15 25.23 -0.89
N SER A 315 -21.21 24.76 -1.71
CA SER A 315 -20.10 25.60 -2.25
C SER A 315 -19.42 24.94 -3.45
N LYS A 316 -19.01 25.73 -4.43
CA LYS A 316 -18.37 25.24 -5.68
C LYS A 316 -19.08 23.94 -6.15
N VAL A 317 -20.41 23.94 -6.22
CA VAL A 317 -21.18 22.83 -6.83
C VAL A 317 -21.18 22.98 -8.35
N ASN A 318 -21.07 21.87 -9.07
CA ASN A 318 -21.01 21.76 -10.56
C ASN A 318 -22.11 20.79 -11.01
N ALA A 319 -23.23 21.32 -11.51
CA ALA A 319 -24.45 20.51 -11.73
C ALA A 319 -25.30 21.10 -12.86
N ASP A 320 -26.36 20.39 -13.22
CA ASP A 320 -27.26 20.76 -14.34
C ASP A 320 -28.16 21.90 -13.88
N GLU A 321 -28.04 23.10 -14.50
CA GLU A 321 -28.83 24.33 -14.16
C GLU A 321 -30.33 23.99 -14.09
N ARG A 322 -30.82 23.14 -14.99
CA ARG A 322 -32.26 22.74 -15.10
C ARG A 322 -32.75 22.02 -13.83
N MET A 323 -31.88 21.24 -13.17
CA MET A 323 -32.24 20.37 -12.02
C MET A 323 -32.29 21.18 -10.73
N LYS A 324 -32.69 20.55 -9.62
CA LYS A 324 -32.68 21.11 -8.23
C LYS A 324 -31.67 20.30 -7.41
N LEU A 325 -31.16 20.86 -6.31
CA LEU A 325 -30.17 20.18 -5.42
C LEU A 325 -30.84 19.76 -4.13
N VAL A 326 -30.56 18.52 -3.70
CA VAL A 326 -30.98 17.96 -2.38
C VAL A 326 -29.74 17.50 -1.59
N VAL A 327 -29.76 17.68 -0.27
CA VAL A 327 -28.78 17.06 0.68
C VAL A 327 -29.53 16.02 1.52
N GLN A 328 -29.34 14.74 1.19
CA GLN A 328 -29.77 13.59 2.03
C GLN A 328 -28.73 13.39 3.15
N ALA A 329 -29.20 13.31 4.38
CA ALA A 329 -28.39 13.20 5.61
C ALA A 329 -28.87 11.98 6.42
N GLY A 330 -27.94 11.28 7.06
CA GLY A 330 -28.23 10.11 7.91
C GLY A 330 -27.13 9.92 8.93
N LEU A 331 -27.46 9.32 10.07
CA LEU A 331 -26.50 9.00 11.15
C LEU A 331 -26.18 7.51 11.03
N PHE A 332 -24.93 7.13 11.32
CA PHE A 332 -24.45 5.74 11.22
C PHE A 332 -23.48 5.38 12.34
N HIS A 333 -23.46 4.08 12.63
CA HIS A 333 -22.45 3.38 13.45
C HIS A 333 -22.02 2.12 12.70
N GLY A 334 -20.81 2.11 12.17
CA GLY A 334 -20.40 1.12 11.15
C GLY A 334 -21.32 1.17 9.94
N ASN A 335 -21.96 0.05 9.63
CA ASN A 335 -22.95 -0.12 8.53
C ASN A 335 -24.38 0.22 8.96
N GLU A 336 -24.67 0.15 10.25
CA GLU A 336 -26.05 0.28 10.79
C GLU A 336 -26.51 1.74 10.71
N MET A 337 -27.70 2.01 10.18
CA MET A 337 -28.40 3.30 10.43
C MET A 337 -28.79 3.32 11.91
N LEU A 338 -28.48 4.42 12.59
CA LEU A 338 -28.84 4.64 14.01
C LEU A 338 -30.29 5.09 14.10
N CYS A 339 -30.75 5.84 13.10
CA CYS A 339 -32.16 6.25 12.92
C CYS A 339 -32.47 6.44 11.44
N LYS A 340 -33.72 6.78 11.13
CA LYS A 340 -34.18 7.07 9.75
C LYS A 340 -33.40 8.27 9.21
N THR A 341 -33.22 8.32 7.91
CA THR A 341 -32.54 9.45 7.22
C THR A 341 -33.53 10.61 7.17
N VAL A 342 -33.02 11.83 6.95
CA VAL A 342 -33.81 13.09 6.78
C VAL A 342 -33.21 13.88 5.62
N SER A 343 -34.04 14.55 4.82
CA SER A 343 -33.64 15.31 3.60
C SER A 343 -33.87 16.82 3.74
N SER A 344 -33.12 17.59 2.95
CA SER A 344 -33.32 19.05 2.76
C SER A 344 -34.44 19.28 1.73
N SER A 345 -34.88 20.52 1.58
CA SER A 345 -35.82 20.93 0.50
C SER A 345 -35.06 21.00 -0.82
N GLU A 346 -35.80 20.95 -1.94
CA GLU A 346 -35.25 21.08 -3.31
C GLU A 346 -34.95 22.56 -3.60
N VAL A 347 -33.74 23.04 -3.28
CA VAL A 347 -33.16 24.36 -3.72
C VAL A 347 -32.69 24.25 -5.18
N SER A 348 -32.62 25.38 -5.89
CA SER A 348 -32.30 25.43 -7.34
C SER A 348 -30.80 25.19 -7.53
N VAL A 349 -30.40 24.51 -8.62
CA VAL A 349 -28.98 24.19 -8.89
C VAL A 349 -28.21 25.49 -9.08
N CYS A 350 -27.15 25.66 -8.28
CA CYS A 350 -26.14 26.73 -8.48
C CYS A 350 -24.85 26.38 -7.70
N SER A 351 -23.73 26.99 -8.10
CA SER A 351 -22.40 26.88 -7.45
C SER A 351 -22.49 27.01 -5.92
N GLU A 352 -23.31 27.96 -5.44
CA GLU A 352 -23.41 28.33 -4.01
C GLU A 352 -24.85 28.17 -3.56
N PRO A 353 -25.36 26.93 -3.46
CA PRO A 353 -26.76 26.73 -3.08
C PRO A 353 -26.87 27.03 -1.58
N VAL A 354 -28.02 27.58 -1.17
CA VAL A 354 -28.28 28.05 0.21
C VAL A 354 -29.57 27.39 0.67
N TRP A 355 -29.53 26.76 1.84
CA TRP A 355 -30.65 26.04 2.50
C TRP A 355 -31.08 26.81 3.76
N LYS A 356 -30.10 27.19 4.60
CA LYS A 356 -30.32 27.78 5.94
C LYS A 356 -31.36 26.94 6.69
N GLN A 357 -31.37 25.62 6.45
CA GLN A 357 -32.42 24.69 6.95
C GLN A 357 -31.97 24.05 8.26
N ARG A 358 -32.90 23.47 9.00
CA ARG A 358 -32.61 22.64 10.19
C ARG A 358 -33.03 21.21 9.83
N LEU A 359 -32.18 20.23 10.14
CA LEU A 359 -32.48 18.78 10.01
C LEU A 359 -32.44 18.19 11.41
N GLU A 360 -33.52 17.54 11.81
CA GLU A 360 -33.73 16.96 13.15
C GLU A 360 -33.90 15.44 12.98
N PHE A 361 -33.24 14.67 13.83
CA PHE A 361 -33.08 13.20 13.67
C PHE A 361 -33.81 12.48 14.79
N ASP A 362 -34.41 11.32 14.46
CA ASP A 362 -35.16 10.45 15.41
C ASP A 362 -34.15 9.75 16.32
N ILE A 363 -33.45 10.54 17.15
CA ILE A 363 -32.53 10.01 18.20
C ILE A 363 -32.12 11.20 19.06
N ASN A 364 -32.03 10.98 20.38
CA ASN A 364 -31.57 12.00 21.34
C ASN A 364 -30.04 12.00 21.38
N ILE A 365 -29.49 13.15 21.78
CA ILE A 365 -28.03 13.34 22.02
C ILE A 365 -27.52 12.24 22.95
N CYS A 366 -28.28 11.88 24.00
CA CYS A 366 -27.85 10.95 25.08
C CYS A 366 -27.64 9.53 24.51
N ASP A 367 -28.20 9.22 23.33
CA ASP A 367 -28.16 7.88 22.71
C ASP A 367 -26.91 7.71 21.82
N LEU A 368 -26.30 8.82 21.38
CA LEU A 368 -25.24 8.80 20.34
C LEU A 368 -24.04 7.99 20.82
N PRO A 369 -23.69 6.85 20.16
CA PRO A 369 -22.52 6.08 20.58
C PRO A 369 -21.20 6.79 20.21
N ARG A 370 -20.09 6.34 20.79
CA ARG A 370 -18.76 7.00 20.69
C ARG A 370 -18.40 7.27 19.22
N MET A 371 -18.68 6.31 18.35
CA MET A 371 -18.27 6.32 16.93
C MET A 371 -19.47 6.71 16.04
N ALA A 372 -20.37 7.55 16.56
CA ALA A 372 -21.47 8.12 15.77
C ALA A 372 -20.90 8.96 14.63
N ARG A 373 -21.51 8.82 13.47
CA ARG A 373 -20.99 9.22 12.15
C ARG A 373 -22.15 9.86 11.37
N LEU A 374 -22.08 11.16 11.16
CA LEU A 374 -23.08 11.89 10.36
C LEU A 374 -22.58 11.86 8.92
N CYS A 375 -23.41 11.33 8.02
CA CYS A 375 -23.10 11.04 6.61
C CYS A 375 -24.02 11.79 5.65
N PHE A 376 -23.43 12.64 4.82
CA PHE A 376 -24.12 13.50 3.83
C PHE A 376 -23.90 12.96 2.42
N ALA A 377 -24.88 13.23 1.55
CA ALA A 377 -24.69 13.17 0.09
C ALA A 377 -25.51 14.27 -0.56
N LEU A 378 -24.84 15.07 -1.40
CA LEU A 378 -25.46 16.08 -2.28
C LEU A 378 -25.98 15.34 -3.51
N TYR A 379 -27.28 15.39 -3.71
CA TYR A 379 -28.01 14.78 -4.85
C TYR A 379 -28.53 15.91 -5.73
N ALA A 380 -28.58 15.66 -7.03
CA ALA A 380 -29.26 16.52 -8.03
C ALA A 380 -30.47 15.76 -8.57
N VAL A 381 -31.64 16.40 -8.55
CA VAL A 381 -32.97 15.80 -8.90
C VAL A 381 -33.72 16.71 -9.89
N ILE A 382 -34.53 16.11 -10.76
CA ILE A 382 -35.54 16.83 -11.60
C ILE A 382 -36.90 16.89 -10.85
N GLU A 383 -37.53 18.07 -10.84
CA GLU A 383 -38.82 18.36 -10.17
C GLU A 383 -38.63 18.22 -8.65
N ASP A 399 -31.96 9.78 -10.71
CA ASP A 399 -31.37 10.60 -9.62
C ASP A 399 -29.84 10.62 -9.76
N CYS A 400 -29.22 11.76 -9.44
CA CYS A 400 -27.76 12.02 -9.57
C CYS A 400 -27.15 12.22 -8.19
N PRO A 401 -26.39 11.22 -7.66
CA PRO A 401 -25.48 11.47 -6.53
C PRO A 401 -24.32 12.34 -7.04
N ILE A 402 -24.19 13.56 -6.51
CA ILE A 402 -23.09 14.49 -6.86
C ILE A 402 -21.85 14.04 -6.08
N ALA A 403 -21.94 14.10 -4.75
CA ALA A 403 -20.80 14.08 -3.82
C ALA A 403 -21.31 13.73 -2.41
N TRP A 404 -20.38 13.42 -1.51
CA TRP A 404 -20.66 12.91 -0.14
C TRP A 404 -19.55 13.36 0.83
N ALA A 405 -19.86 13.30 2.12
CA ALA A 405 -18.92 13.65 3.20
C ALA A 405 -19.48 13.12 4.51
N ASN A 406 -18.62 12.48 5.30
CA ASN A 406 -18.99 11.88 6.59
C ASN A 406 -18.26 12.68 7.65
N LEU A 407 -18.76 12.63 8.86
CA LEU A 407 -18.24 13.45 9.97
C LEU A 407 -18.47 12.66 11.25
N MET A 408 -17.43 12.45 12.05
CA MET A 408 -17.56 11.91 13.43
C MET A 408 -18.18 13.01 14.30
N LEU A 409 -19.13 12.67 15.18
CA LEU A 409 -19.86 13.64 16.03
C LEU A 409 -19.06 13.98 17.28
N PHE A 410 -18.33 13.00 17.84
CA PHE A 410 -17.36 13.19 18.94
C PHE A 410 -15.95 13.29 18.37
N ASP A 411 -15.14 14.26 18.81
CA ASP A 411 -13.77 14.46 18.27
C ASP A 411 -12.81 13.45 18.92
N TYR A 412 -11.51 13.62 18.68
CA TYR A 412 -10.45 12.64 19.06
C TYR A 412 -10.26 12.63 20.57
N LYS A 413 -10.64 13.69 21.29
CA LYS A 413 -10.49 13.79 22.76
C LYS A 413 -11.80 13.40 23.46
N ASP A 414 -12.79 12.91 22.72
CA ASP A 414 -14.10 12.36 23.20
C ASP A 414 -15.17 13.47 23.28
N GLN A 415 -14.85 14.71 22.93
CA GLN A 415 -15.79 15.85 23.07
C GLN A 415 -16.83 15.84 21.95
N LEU A 416 -18.12 15.96 22.30
CA LEU A 416 -19.23 16.24 21.34
C LEU A 416 -18.98 17.59 20.67
N LYS A 417 -19.01 17.58 19.34
CA LYS A 417 -18.63 18.70 18.46
C LYS A 417 -19.79 19.69 18.44
N THR A 418 -19.45 20.96 18.43
CA THR A 418 -20.39 22.09 18.45
C THR A 418 -19.84 23.14 17.49
N GLY A 419 -20.71 23.98 16.95
CA GLY A 419 -20.30 25.13 16.14
C GLY A 419 -20.25 24.77 14.67
N GLU A 420 -19.89 25.75 13.84
CA GLU A 420 -19.79 25.61 12.37
C GLU A 420 -18.65 24.63 12.07
N ARG A 421 -18.92 23.71 11.15
CA ARG A 421 -17.94 22.77 10.57
C ARG A 421 -18.12 22.89 9.06
N CYS A 422 -17.02 22.98 8.32
CA CYS A 422 -17.02 23.04 6.83
C CYS A 422 -16.41 21.75 6.26
N LEU A 423 -17.25 20.95 5.60
CA LEU A 423 -16.90 19.62 5.05
C LEU A 423 -16.63 19.81 3.56
N TYR A 424 -15.46 19.38 3.10
CA TYR A 424 -15.08 19.40 1.66
C TYR A 424 -15.32 18.00 1.13
N MET A 425 -16.30 17.88 0.24
CA MET A 425 -16.95 16.61 -0.16
C MET A 425 -16.07 15.87 -1.16
N TRP A 426 -16.27 14.56 -1.22
CA TRP A 426 -15.70 13.65 -2.24
C TRP A 426 -16.78 13.40 -3.29
N PRO A 427 -16.43 13.32 -4.58
CA PRO A 427 -17.44 13.02 -5.58
C PRO A 427 -17.86 11.54 -5.53
N SER A 428 -19.14 11.34 -5.74
CA SER A 428 -19.83 10.04 -5.66
C SER A 428 -19.48 9.33 -6.95
N VAL A 429 -19.27 8.03 -6.86
CA VAL A 429 -19.04 7.09 -7.98
C VAL A 429 -20.32 6.25 -8.09
N PRO A 430 -20.84 5.97 -9.30
CA PRO A 430 -21.96 5.05 -9.43
C PRO A 430 -21.40 3.61 -9.36
N ASP A 431 -21.82 2.86 -8.34
CA ASP A 431 -21.59 1.40 -8.20
C ASP A 431 -22.93 0.65 -8.31
N GLU A 432 -22.84 -0.69 -8.43
CA GLU A 432 -23.98 -1.63 -8.60
C GLU A 432 -24.97 -1.43 -7.45
N LYS A 433 -24.45 -1.41 -6.21
CA LYS A 433 -25.23 -1.24 -4.94
C LYS A 433 -26.13 -0.02 -5.04
N GLY A 434 -25.59 1.10 -5.58
CA GLY A 434 -26.31 2.36 -5.82
C GLY A 434 -26.97 2.90 -4.56
N GLU A 435 -26.27 2.83 -3.42
CA GLU A 435 -26.83 3.25 -2.10
C GLU A 435 -26.92 4.78 -2.07
N LEU A 436 -27.76 5.27 -1.17
CA LEU A 436 -28.10 6.71 -1.05
C LEU A 436 -26.87 7.40 -0.46
N LEU A 437 -26.47 6.95 0.72
CA LEU A 437 -25.33 7.49 1.48
C LEU A 437 -24.17 6.49 1.41
N ASN A 438 -23.03 6.86 1.99
CA ASN A 438 -21.75 6.13 1.84
C ASN A 438 -21.13 6.06 3.23
N PRO A 439 -21.80 5.39 4.18
CA PRO A 439 -21.28 5.29 5.54
C PRO A 439 -19.88 4.65 5.66
N THR A 440 -19.47 3.77 4.72
CA THR A 440 -18.12 3.11 4.76
C THR A 440 -17.01 4.11 4.43
N GLY A 441 -17.35 5.22 3.77
CA GLY A 441 -16.42 6.27 3.32
C GLY A 441 -15.60 6.86 4.48
N THR A 442 -14.45 7.46 4.13
CA THR A 442 -13.53 8.15 5.05
C THR A 442 -14.25 9.33 5.71
N VAL A 443 -13.80 9.67 6.90
CA VAL A 443 -14.19 10.81 7.75
C VAL A 443 -13.31 12.02 7.42
N ARG A 444 -12.12 11.78 6.86
CA ARG A 444 -11.13 12.87 6.58
C ARG A 444 -11.71 13.77 5.48
N SER A 445 -11.48 15.07 5.60
CA SER A 445 -11.96 16.05 4.60
C SER A 445 -11.09 15.94 3.36
N ASN A 446 -11.69 16.23 2.21
CA ASN A 446 -11.01 16.22 0.91
C ASN A 446 -9.89 17.25 1.02
N PRO A 447 -8.61 16.87 0.76
CA PRO A 447 -7.50 17.83 0.79
C PRO A 447 -7.50 18.90 -0.33
N ASN A 448 -8.24 18.69 -1.43
CA ASN A 448 -8.43 19.70 -2.52
C ASN A 448 -9.36 20.82 -2.03
N THR A 449 -8.95 21.58 -1.02
CA THR A 449 -9.83 22.55 -0.30
C THR A 449 -10.17 23.77 -1.16
N ASP A 450 -9.41 24.05 -2.23
CA ASP A 450 -9.56 25.28 -3.06
C ASP A 450 -10.60 25.02 -4.18
N SER A 451 -10.56 23.87 -4.85
CA SER A 451 -11.39 23.54 -6.04
C SER A 451 -12.62 22.68 -5.70
N ALA A 452 -12.66 21.98 -4.55
CA ALA A 452 -13.60 20.89 -4.28
C ALA A 452 -14.90 21.44 -3.69
N ALA A 453 -16.03 20.79 -3.96
CA ALA A 453 -17.34 21.13 -3.40
C ALA A 453 -17.30 21.05 -1.87
N ALA A 454 -18.22 21.74 -1.21
CA ALA A 454 -18.24 21.77 0.26
C ALA A 454 -19.64 22.11 0.78
N LEU A 455 -19.97 21.58 1.95
CA LEU A 455 -21.25 21.78 2.66
C LEU A 455 -20.89 22.43 3.98
N LEU A 456 -21.33 23.69 4.18
CA LEU A 456 -21.24 24.41 5.46
C LEU A 456 -22.49 24.03 6.25
N ILE A 457 -22.29 23.60 7.48
CA ILE A 457 -23.33 23.13 8.43
C ILE A 457 -22.92 23.63 9.80
N CYS A 458 -23.85 23.59 10.75
CA CYS A 458 -23.63 24.09 12.12
C CYS A 458 -24.19 23.06 13.11
N LEU A 459 -23.30 22.55 13.95
CA LEU A 459 -23.68 21.74 15.13
C LEU A 459 -24.10 22.75 16.18
N PRO A 460 -25.19 22.48 16.93
CA PRO A 460 -25.78 23.47 17.84
C PRO A 460 -25.05 23.42 19.20
N GLU A 461 -25.08 24.53 19.94
CA GLU A 461 -24.50 24.64 21.31
C GLU A 461 -25.48 24.01 22.31
N VAL A 462 -25.30 22.73 22.60
CA VAL A 462 -26.32 21.88 23.30
C VAL A 462 -26.25 22.08 24.82
N ALA A 463 -25.24 22.79 25.35
CA ALA A 463 -24.99 22.92 26.81
C ALA A 463 -23.99 24.04 27.13
N PRO A 464 -24.18 24.77 28.26
CA PRO A 464 -23.29 25.87 28.64
C PRO A 464 -21.83 25.45 28.90
N HIS A 465 -21.64 24.34 29.63
CA HIS A 465 -20.32 23.65 29.80
C HIS A 465 -20.13 22.62 28.68
N PRO A 466 -18.90 22.45 28.13
CA PRO A 466 -18.65 21.44 27.08
C PRO A 466 -18.74 19.99 27.60
N VAL A 467 -19.19 19.07 26.75
CA VAL A 467 -19.62 17.69 27.15
C VAL A 467 -18.77 16.64 26.42
N TYR A 468 -18.31 15.64 27.16
CA TYR A 468 -17.53 14.47 26.65
C TYR A 468 -18.36 13.20 26.77
N TYR A 469 -18.17 12.28 25.83
CA TYR A 469 -18.63 10.88 25.95
C TYR A 469 -18.08 10.35 27.27
N PRO A 470 -18.87 9.62 28.09
CA PRO A 470 -18.42 9.25 29.43
C PRO A 470 -17.20 8.34 29.42
N ALA A 471 -16.33 8.48 30.43
CA ALA A 471 -15.15 7.63 30.67
C ALA A 471 -15.60 6.19 30.93
N LEU A 472 -14.64 5.26 30.88
CA LEU A 472 -14.85 3.79 31.03
C LEU A 472 -15.57 3.48 32.36
N GLU A 473 -15.12 4.06 33.47
CA GLU A 473 -15.64 3.80 34.85
C GLU A 473 -17.16 4.04 34.87
N LYS A 474 -17.62 5.13 34.24
CA LYS A 474 -19.07 5.53 34.16
C LYS A 474 -19.87 4.58 33.25
N ILE A 475 -19.21 3.87 32.34
CA ILE A 475 -19.82 2.83 31.45
C ILE A 475 -19.95 1.53 32.24
N LEU A 476 -18.88 1.09 32.90
CA LEU A 476 -18.88 -0.08 33.83
C LEU A 476 -20.00 0.08 34.87
N GLU A 477 -20.19 1.29 35.42
CA GLU A 477 -21.25 1.63 36.40
C GLU A 477 -22.61 1.30 35.77
N LEU A 478 -22.99 1.98 34.69
CA LEU A 478 -24.30 1.77 34.00
C LEU A 478 -24.43 0.33 33.44
N GLY A 479 -23.34 -0.34 33.07
CA GLY A 479 -23.36 -1.68 32.43
C GLY A 479 -23.28 -2.82 33.43
N ARG A 480 -22.87 -2.53 34.67
CA ARG A 480 -22.72 -3.52 35.78
C ARG A 480 -24.07 -4.24 35.99
N HIS A 481 -25.14 -3.47 36.23
CA HIS A 481 -26.25 -3.80 37.18
C HIS A 481 -27.21 -4.88 36.66
N SER A 482 -27.09 -5.29 35.39
CA SER A 482 -27.78 -6.51 34.86
C SER A 482 -26.76 -7.41 34.17
N GLU A 489 -31.34 -25.16 29.86
CA GLU A 489 -32.13 -26.31 29.37
C GLU A 489 -32.89 -25.92 28.08
N GLU A 490 -33.82 -24.97 28.17
CA GLU A 490 -34.82 -24.63 27.11
C GLU A 490 -34.23 -23.65 26.08
N GLU A 491 -33.80 -22.48 26.56
CA GLU A 491 -33.32 -21.35 25.72
C GLU A 491 -31.94 -21.70 25.11
N GLN A 492 -31.10 -22.48 25.81
CA GLN A 492 -29.80 -23.05 25.32
C GLN A 492 -29.95 -23.68 23.92
N LEU A 493 -31.10 -24.28 23.59
CA LEU A 493 -31.32 -25.02 22.30
C LEU A 493 -31.41 -24.03 21.13
N GLN A 494 -32.23 -22.98 21.26
CA GLN A 494 -32.45 -21.96 20.20
C GLN A 494 -31.13 -21.21 19.93
N LEU A 495 -30.38 -20.85 20.98
CA LEU A 495 -29.06 -20.16 20.86
C LEU A 495 -28.06 -21.11 20.16
N ARG A 496 -27.86 -22.32 20.71
CA ARG A 496 -26.96 -23.35 20.13
C ARG A 496 -27.20 -23.37 18.62
N GLU A 497 -28.45 -23.69 18.23
CA GLU A 497 -28.91 -23.78 16.82
C GLU A 497 -28.43 -22.53 16.05
N ILE A 498 -28.76 -21.35 16.55
CA ILE A 498 -28.49 -20.04 15.87
C ILE A 498 -26.98 -19.85 15.66
N LEU A 499 -26.15 -20.05 16.69
CA LEU A 499 -24.66 -19.80 16.63
C LEU A 499 -23.93 -20.94 15.91
N GLU A 500 -24.25 -22.19 16.24
CA GLU A 500 -23.44 -23.39 15.90
C GLU A 500 -23.85 -23.97 14.52
N ARG A 501 -22.87 -24.43 13.74
CA ARG A 501 -23.10 -25.24 12.50
C ARG A 501 -21.78 -25.90 12.04
N GLY A 505 -24.85 -16.38 7.60
CA GLY A 505 -24.21 -15.69 8.73
C GLY A 505 -25.06 -14.56 9.31
N GLU A 506 -25.74 -13.81 8.43
CA GLU A 506 -26.70 -12.72 8.76
C GLU A 506 -27.87 -13.32 9.57
N LEU A 507 -28.12 -12.79 10.78
CA LEU A 507 -29.27 -13.17 11.65
C LEU A 507 -30.51 -12.35 11.28
N TYR A 508 -31.67 -12.77 11.78
CA TYR A 508 -33.01 -12.24 11.48
C TYR A 508 -33.65 -11.77 12.80
N GLU A 509 -34.31 -10.61 12.79
CA GLU A 509 -34.58 -9.76 13.99
C GLU A 509 -35.19 -10.55 15.17
N HIS A 510 -35.89 -11.66 14.91
CA HIS A 510 -36.42 -12.58 15.96
C HIS A 510 -35.24 -13.21 16.73
N GLU A 511 -34.20 -13.64 15.99
CA GLU A 511 -32.97 -14.27 16.53
C GLU A 511 -32.21 -13.20 17.36
N LYS A 512 -32.14 -11.97 16.85
CA LYS A 512 -31.30 -10.84 17.38
C LYS A 512 -31.66 -10.53 18.84
N ASP A 513 -32.96 -10.42 19.14
CA ASP A 513 -33.49 -10.18 20.53
C ASP A 513 -33.27 -11.41 21.41
N LEU A 514 -33.19 -12.62 20.86
CA LEU A 514 -32.87 -13.80 21.69
C LEU A 514 -31.40 -13.71 22.09
N VAL A 515 -30.52 -13.56 21.09
CA VAL A 515 -29.05 -13.47 21.34
C VAL A 515 -28.80 -12.35 22.37
N TRP A 516 -29.51 -11.23 22.23
CA TRP A 516 -29.36 -10.06 23.12
C TRP A 516 -29.78 -10.43 24.54
N LYS A 517 -30.90 -11.12 24.70
CA LYS A 517 -31.41 -11.63 25.99
C LYS A 517 -30.32 -12.56 26.55
N LEU A 518 -29.91 -13.60 25.81
CA LEU A 518 -28.97 -14.63 26.34
C LEU A 518 -27.52 -14.20 26.08
N ARG A 519 -27.22 -12.91 26.17
CA ARG A 519 -25.86 -12.39 25.86
C ARG A 519 -24.88 -12.83 26.94
N HIS A 520 -25.29 -12.93 28.21
CA HIS A 520 -24.41 -13.45 29.30
C HIS A 520 -24.08 -14.91 29.00
N GLU A 521 -25.01 -15.65 28.35
CA GLU A 521 -24.77 -17.07 27.97
C GLU A 521 -23.74 -17.13 26.81
N VAL A 522 -23.77 -16.17 25.87
CA VAL A 522 -22.84 -16.10 24.71
C VAL A 522 -21.41 -15.93 25.23
N GLN A 523 -21.17 -15.04 26.21
CA GLN A 523 -19.82 -14.80 26.82
C GLN A 523 -19.30 -16.06 27.51
N GLU A 524 -20.18 -16.88 28.10
CA GLU A 524 -19.85 -18.05 28.95
C GLU A 524 -19.56 -19.29 28.07
N HIS A 525 -20.43 -19.56 27.09
CA HIS A 525 -20.50 -20.83 26.31
C HIS A 525 -20.13 -20.64 24.84
N PHE A 526 -20.12 -19.40 24.32
CA PHE A 526 -19.84 -19.14 22.88
C PHE A 526 -18.93 -17.93 22.71
N PRO A 527 -17.79 -17.83 23.45
CA PRO A 527 -16.94 -16.65 23.36
C PRO A 527 -16.62 -16.25 21.89
N GLU A 528 -16.37 -17.24 21.03
CA GLU A 528 -16.13 -17.07 19.56
C GLU A 528 -17.29 -16.35 18.85
N ALA A 529 -18.50 -16.25 19.45
CA ALA A 529 -19.67 -15.61 18.81
C ALA A 529 -19.75 -14.12 19.16
N LEU A 530 -18.76 -13.58 19.89
CA LEU A 530 -18.68 -12.12 20.21
C LEU A 530 -19.10 -11.27 19.00
N ALA A 531 -18.59 -11.54 17.79
CA ALA A 531 -18.89 -10.76 16.55
C ALA A 531 -20.40 -10.77 16.24
N ARG A 532 -21.05 -11.94 16.32
CA ARG A 532 -22.52 -12.07 16.09
C ARG A 532 -23.21 -11.14 17.10
N LEU A 533 -22.79 -11.24 18.36
CA LEU A 533 -23.40 -10.49 19.48
C LEU A 533 -23.22 -8.98 19.30
N LEU A 534 -22.05 -8.52 18.85
CA LEU A 534 -21.79 -7.07 18.65
C LEU A 534 -22.77 -6.45 17.64
N LEU A 535 -23.19 -7.21 16.61
CA LEU A 535 -24.08 -6.71 15.54
C LEU A 535 -25.52 -6.70 16.06
N VAL A 536 -25.91 -7.71 16.84
CA VAL A 536 -27.31 -7.74 17.40
C VAL A 536 -27.50 -6.56 18.35
N THR A 537 -26.41 -6.01 18.91
CA THR A 537 -26.47 -4.90 19.91
C THR A 537 -27.11 -3.68 19.26
N LYS A 538 -27.95 -2.95 19.98
CA LYS A 538 -28.68 -1.77 19.42
C LYS A 538 -27.84 -0.55 19.80
N TRP A 539 -26.97 -0.10 18.89
CA TRP A 539 -25.94 0.94 19.16
C TRP A 539 -26.60 2.33 19.23
N ASN A 540 -27.86 2.45 18.78
CA ASN A 540 -28.72 3.66 18.98
C ASN A 540 -29.26 3.79 20.42
N LYS A 541 -29.03 2.84 21.34
CA LYS A 541 -29.49 2.91 22.76
C LYS A 541 -28.29 2.83 23.73
N HIS A 542 -28.01 3.89 24.50
CA HIS A 542 -26.77 3.99 25.36
C HIS A 542 -26.79 2.95 26.51
N GLU A 543 -27.98 2.55 26.95
CA GLU A 543 -28.17 1.45 27.93
C GLU A 543 -27.59 0.16 27.32
N ASP A 544 -27.95 -0.15 26.06
CA ASP A 544 -27.56 -1.42 25.38
C ASP A 544 -26.07 -1.39 25.08
N VAL A 545 -25.57 -0.24 24.64
CA VAL A 545 -24.11 -0.01 24.45
C VAL A 545 -23.40 -0.26 25.80
N ALA A 546 -23.85 0.36 26.90
CA ALA A 546 -23.19 0.23 28.23
C ALA A 546 -23.14 -1.23 28.67
N GLN A 547 -24.24 -1.96 28.45
CA GLN A 547 -24.36 -3.38 28.83
C GLN A 547 -23.36 -4.18 27.99
N MET A 548 -23.32 -3.92 26.67
CA MET A 548 -22.47 -4.68 25.70
C MET A 548 -21.00 -4.48 26.06
N LEU A 549 -20.60 -3.25 26.32
CA LEU A 549 -19.20 -2.93 26.67
C LEU A 549 -18.78 -3.55 28.01
N TYR A 550 -19.70 -3.67 28.97
CA TYR A 550 -19.44 -4.30 30.29
C TYR A 550 -18.93 -5.72 30.07
N LEU A 551 -19.57 -6.45 29.16
CA LEU A 551 -19.22 -7.86 28.85
C LEU A 551 -17.85 -7.85 28.16
N LEU A 552 -17.66 -6.90 27.23
CA LEU A 552 -16.49 -6.83 26.32
C LEU A 552 -15.17 -6.72 27.09
N CYS A 553 -15.19 -6.02 28.22
CA CYS A 553 -14.05 -5.76 29.15
C CYS A 553 -13.62 -7.01 29.93
N SER A 554 -14.56 -7.94 30.14
CA SER A 554 -14.35 -9.26 30.78
C SER A 554 -14.34 -10.37 29.71
N TRP A 555 -14.46 -10.04 28.42
CA TRP A 555 -14.52 -11.10 27.39
C TRP A 555 -13.19 -11.83 27.36
N PRO A 556 -13.15 -13.18 27.22
CA PRO A 556 -11.89 -13.91 27.10
C PRO A 556 -11.17 -13.66 25.77
N GLU A 557 -9.85 -13.79 25.78
CA GLU A 557 -8.99 -13.55 24.61
C GLU A 557 -9.46 -14.48 23.49
N LEU A 558 -9.72 -13.95 22.30
CA LEU A 558 -10.12 -14.82 21.15
C LEU A 558 -8.86 -15.15 20.36
N PRO A 559 -8.83 -16.27 19.58
CA PRO A 559 -7.69 -16.56 18.74
C PRO A 559 -7.52 -15.49 17.65
N VAL A 560 -6.37 -15.48 16.96
CA VAL A 560 -6.02 -14.53 15.86
C VAL A 560 -7.15 -14.50 14.82
N LEU A 561 -7.51 -15.66 14.29
CA LEU A 561 -8.59 -15.80 13.28
C LEU A 561 -9.83 -14.98 13.66
N SER A 562 -10.30 -15.05 14.91
CA SER A 562 -11.53 -14.32 15.35
C SER A 562 -11.24 -12.83 15.35
N ALA A 563 -10.09 -12.46 15.91
CA ALA A 563 -9.64 -11.06 16.03
C ALA A 563 -9.52 -10.42 14.64
N LEU A 564 -9.08 -11.16 13.63
CA LEU A 564 -9.04 -10.61 12.24
C LEU A 564 -10.44 -10.14 11.82
N GLU A 565 -11.48 -10.93 12.07
CA GLU A 565 -12.89 -10.56 11.77
C GLU A 565 -13.27 -9.23 12.43
N LEU A 566 -12.80 -8.95 13.66
CA LEU A 566 -13.26 -7.79 14.46
C LEU A 566 -12.63 -6.51 13.94
N LEU A 567 -11.59 -6.59 13.11
CA LEU A 567 -10.98 -5.39 12.48
C LEU A 567 -11.82 -4.87 11.31
N ASP A 568 -12.83 -5.61 10.85
CA ASP A 568 -13.75 -5.18 9.77
C ASP A 568 -14.52 -3.92 10.17
N PHE A 569 -15.02 -3.18 9.16
CA PHE A 569 -15.76 -1.89 9.29
C PHE A 569 -17.06 -2.07 10.09
N SER A 570 -17.68 -3.25 10.09
CA SER A 570 -18.92 -3.57 10.85
C SER A 570 -18.76 -3.31 12.36
N PHE A 571 -17.55 -3.08 12.85
CA PHE A 571 -17.21 -3.03 14.30
C PHE A 571 -16.42 -1.76 14.58
N PRO A 572 -17.05 -0.58 14.46
CA PRO A 572 -16.32 0.68 14.58
C PRO A 572 -15.84 0.99 16.00
N ASP A 573 -16.56 0.51 17.03
CA ASP A 573 -16.29 0.90 18.44
C ASP A 573 -14.80 0.67 18.76
N CYS A 574 -14.19 1.62 19.47
CA CYS A 574 -12.76 1.61 19.86
C CYS A 574 -12.46 0.45 20.83
N HIS A 575 -13.40 0.07 21.69
CA HIS A 575 -13.24 -1.06 22.66
C HIS A 575 -13.15 -2.39 21.90
N VAL A 576 -13.76 -2.48 20.72
CA VAL A 576 -13.70 -3.68 19.85
C VAL A 576 -12.31 -3.74 19.18
N GLY A 577 -11.88 -2.64 18.57
CA GLY A 577 -10.54 -2.57 17.97
C GLY A 577 -9.49 -2.86 19.02
N SER A 578 -9.58 -2.21 20.16
CA SER A 578 -8.68 -2.43 21.31
C SER A 578 -8.59 -3.93 21.56
N PHE A 579 -9.75 -4.58 21.73
CA PHE A 579 -9.84 -6.03 22.11
C PHE A 579 -9.24 -6.91 21.00
N ALA A 580 -9.59 -6.63 19.74
CA ALA A 580 -9.01 -7.27 18.54
C ALA A 580 -7.47 -7.22 18.58
N ILE A 581 -6.86 -6.04 18.75
CA ILE A 581 -5.38 -5.82 18.85
C ILE A 581 -4.79 -6.57 20.04
N LYS A 582 -5.47 -6.61 21.17
CA LYS A 582 -5.03 -7.41 22.37
C LYS A 582 -4.80 -8.87 21.95
N SER A 583 -5.69 -9.40 21.12
CA SER A 583 -5.67 -10.80 20.61
C SER A 583 -4.71 -10.97 19.42
N LEU A 584 -4.34 -9.91 18.72
CA LEU A 584 -3.27 -9.99 17.67
C LEU A 584 -1.86 -9.82 18.25
N ARG A 585 -1.70 -9.45 19.51
CA ARG A 585 -0.37 -9.21 20.12
C ARG A 585 0.40 -10.52 20.28
N LYS A 586 -0.25 -11.67 20.10
CA LYS A 586 0.43 -12.99 20.16
C LYS A 586 0.97 -13.40 18.79
N LEU A 587 0.78 -12.59 17.73
CA LEU A 587 1.34 -12.94 16.41
C LEU A 587 2.86 -12.96 16.53
N THR A 588 3.49 -14.03 16.05
CA THR A 588 4.92 -14.03 15.62
C THR A 588 5.06 -13.08 14.43
N ASP A 589 6.24 -12.49 14.33
CA ASP A 589 6.65 -11.59 13.23
C ASP A 589 6.41 -12.31 11.88
N ASP A 590 6.71 -13.62 11.77
CA ASP A 590 6.46 -14.37 10.51
C ASP A 590 4.97 -14.30 10.15
N GLU A 591 4.08 -14.68 11.08
CA GLU A 591 2.63 -14.77 10.81
C GLU A 591 2.05 -13.37 10.58
N LEU A 592 2.49 -12.38 11.34
CA LEU A 592 2.04 -10.99 11.16
C LEU A 592 2.39 -10.53 9.73
N PHE A 593 3.53 -10.95 9.22
CA PHE A 593 4.00 -10.60 7.86
C PHE A 593 2.98 -11.03 6.81
N GLN A 594 2.38 -12.21 6.98
CA GLN A 594 1.38 -12.81 6.06
C GLN A 594 0.10 -11.99 5.96
N TYR A 595 -0.19 -11.11 6.94
CA TYR A 595 -1.45 -10.33 7.07
C TYR A 595 -1.15 -8.84 7.05
N LEU A 596 0.12 -8.45 6.83
CA LEU A 596 0.52 -7.02 6.91
C LEU A 596 -0.23 -6.17 5.88
N LEU A 597 -0.47 -6.70 4.69
CA LEU A 597 -1.21 -6.00 3.63
C LEU A 597 -2.64 -5.72 4.11
N GLN A 598 -3.29 -6.64 4.83
CA GLN A 598 -4.72 -6.46 5.21
C GLN A 598 -4.80 -5.46 6.35
N LEU A 599 -3.85 -5.51 7.28
CA LEU A 599 -3.81 -4.61 8.45
C LEU A 599 -3.57 -3.16 8.03
N VAL A 600 -2.85 -2.92 6.93
CA VAL A 600 -2.64 -1.54 6.42
C VAL A 600 -3.96 -1.05 5.79
N GLN A 601 -4.68 -1.87 5.02
CA GLN A 601 -5.94 -1.43 4.36
C GLN A 601 -6.99 -1.07 5.41
N VAL A 602 -7.09 -1.87 6.48
CA VAL A 602 -8.03 -1.66 7.63
C VAL A 602 -7.85 -0.25 8.22
N LEU A 603 -6.66 0.37 8.15
CA LEU A 603 -6.46 1.78 8.62
C LEU A 603 -7.40 2.76 7.88
N LYS A 604 -7.88 2.43 6.68
CA LYS A 604 -8.79 3.33 5.93
C LYS A 604 -10.19 3.41 6.57
N TYR A 605 -10.55 2.48 7.44
CA TYR A 605 -11.84 2.39 8.17
C TYR A 605 -11.74 3.13 9.51
N GLU A 606 -10.52 3.45 9.93
CA GLU A 606 -10.28 4.12 11.23
C GLU A 606 -10.84 5.55 11.15
N SER A 607 -11.33 6.04 12.28
CA SER A 607 -11.98 7.37 12.44
C SER A 607 -10.90 8.41 12.78
N TYR A 608 -10.09 8.10 13.80
CA TYR A 608 -9.03 8.98 14.33
C TYR A 608 -7.65 8.51 13.90
N LEU A 609 -6.69 9.42 14.00
CA LEU A 609 -5.27 9.21 13.60
C LEU A 609 -4.57 8.38 14.66
N ASP A 610 -4.60 8.82 15.91
CA ASP A 610 -4.08 8.04 17.07
C ASP A 610 -5.13 6.97 17.31
N CYS A 611 -4.88 5.77 16.83
CA CYS A 611 -5.67 4.56 17.06
C CYS A 611 -4.72 3.44 17.49
N GLU A 612 -5.27 2.36 18.03
CA GLU A 612 -4.52 1.20 18.58
C GLU A 612 -3.78 0.43 17.48
N LEU A 613 -4.43 0.21 16.32
CA LEU A 613 -3.90 -0.56 15.17
C LEU A 613 -2.66 0.16 14.61
N THR A 614 -2.68 1.50 14.56
CA THR A 614 -1.46 2.32 14.23
C THR A 614 -0.37 2.11 15.28
N LYS A 615 -0.67 2.23 16.58
CA LYS A 615 0.37 2.02 17.63
C LYS A 615 0.94 0.60 17.47
N PHE A 616 0.08 -0.38 17.23
CA PHE A 616 0.44 -1.81 17.13
C PHE A 616 1.44 -2.03 16.00
N LEU A 617 1.13 -1.47 14.84
CA LEU A 617 1.92 -1.59 13.58
C LEU A 617 3.26 -0.87 13.75
N LEU A 618 3.27 0.31 14.35
CA LEU A 618 4.56 0.99 14.67
C LEU A 618 5.35 0.15 15.70
N ASP A 619 4.71 -0.51 16.69
CA ASP A 619 5.42 -1.37 17.68
C ASP A 619 6.16 -2.50 16.93
N ARG A 620 5.50 -3.13 15.99
CA ARG A 620 6.07 -4.32 15.32
C ARG A 620 7.13 -3.86 14.31
N ALA A 621 6.92 -2.73 13.62
CA ALA A 621 7.88 -2.07 12.69
C ALA A 621 9.18 -1.65 13.39
N LEU A 622 9.12 -1.17 14.63
CA LEU A 622 10.31 -0.73 15.41
C LEU A 622 11.06 -1.93 15.99
N ALA A 623 10.39 -3.06 16.20
CA ALA A 623 11.02 -4.26 16.82
C ALA A 623 11.56 -5.21 15.76
N ASN A 624 11.04 -5.15 14.52
CA ASN A 624 11.48 -5.99 13.38
C ASN A 624 11.72 -5.06 12.17
N ARG A 625 12.93 -5.06 11.63
CA ARG A 625 13.35 -4.13 10.53
C ARG A 625 12.70 -4.54 9.20
N LYS A 626 12.56 -5.84 8.96
CA LYS A 626 11.85 -6.44 7.79
C LYS A 626 10.39 -5.98 7.82
N ILE A 627 9.73 -5.99 8.98
CA ILE A 627 8.30 -5.61 9.09
C ILE A 627 8.17 -4.12 8.80
N GLY A 628 9.09 -3.34 9.36
CA GLY A 628 9.12 -1.88 9.14
C GLY A 628 9.38 -1.59 7.67
N HIS A 629 10.14 -2.43 6.97
CA HIS A 629 10.52 -2.20 5.56
C HIS A 629 9.24 -2.27 4.73
N PHE A 630 8.48 -3.33 4.92
CA PHE A 630 7.28 -3.63 4.13
C PHE A 630 6.13 -2.77 4.62
N LEU A 631 6.12 -2.37 5.90
CA LEU A 631 5.15 -1.36 6.38
C LEU A 631 5.40 -0.04 5.65
N PHE A 632 6.65 0.42 5.58
CA PHE A 632 7.01 1.67 4.86
C PHE A 632 6.44 1.63 3.44
N TRP A 633 6.79 0.62 2.63
CA TRP A 633 6.38 0.53 1.20
C TRP A 633 4.86 0.39 1.02
N HIS A 634 4.14 -0.39 1.85
CA HIS A 634 2.65 -0.46 1.76
C HIS A 634 2.04 0.94 1.98
N LEU A 635 2.58 1.74 2.88
CA LEU A 635 2.07 3.11 3.12
C LEU A 635 2.56 4.06 2.02
N ARG A 636 3.83 3.98 1.64
CA ARG A 636 4.46 4.95 0.71
C ARG A 636 3.78 4.84 -0.67
N SER A 637 3.47 3.64 -1.11
CA SER A 637 2.80 3.36 -2.41
C SER A 637 1.34 3.88 -2.43
N GLU A 638 0.80 4.51 -1.37
CA GLU A 638 -0.59 5.07 -1.41
C GLU A 638 -0.61 6.56 -1.08
N MET A 639 0.57 7.21 -1.08
CA MET A 639 0.77 8.63 -0.71
C MET A 639 0.24 9.55 -1.82
N HIS A 640 0.04 9.03 -3.03
CA HIS A 640 -0.70 9.70 -4.13
C HIS A 640 -2.22 9.78 -3.85
N VAL A 641 -2.77 8.99 -2.91
CA VAL A 641 -4.24 8.76 -2.75
C VAL A 641 -4.75 9.77 -1.74
N PRO A 642 -5.55 10.76 -2.16
CA PRO A 642 -5.86 11.88 -1.28
C PRO A 642 -6.47 11.49 0.07
N SER A 643 -7.27 10.43 0.09
CA SER A 643 -8.06 10.02 1.26
C SER A 643 -7.14 9.45 2.35
N VAL A 644 -5.97 8.89 2.00
CA VAL A 644 -5.04 8.32 3.02
C VAL A 644 -3.70 9.06 3.10
N ALA A 645 -3.42 10.08 2.28
CA ALA A 645 -2.09 10.75 2.19
C ALA A 645 -1.64 11.28 3.54
N LEU A 646 -2.56 11.96 4.23
CA LEU A 646 -2.33 12.59 5.54
C LEU A 646 -2.08 11.51 6.59
N ARG A 647 -2.98 10.55 6.72
CA ARG A 647 -2.87 9.47 7.74
C ARG A 647 -1.58 8.70 7.50
N PHE A 648 -1.40 8.18 6.29
CA PHE A 648 -0.21 7.40 5.91
C PHE A 648 1.07 8.21 6.07
N GLY A 649 1.06 9.50 5.68
CA GLY A 649 2.18 10.44 5.87
C GLY A 649 2.64 10.53 7.31
N LEU A 650 1.71 10.59 8.27
CA LEU A 650 2.07 10.77 9.69
C LEU A 650 2.70 9.47 10.21
N ILE A 651 2.17 8.32 9.84
CA ILE A 651 2.74 7.01 10.24
C ILE A 651 4.15 6.89 9.66
N LEU A 652 4.37 7.30 8.41
CA LEU A 652 5.71 7.21 7.79
C LEU A 652 6.71 8.15 8.51
N GLU A 653 6.26 9.30 8.98
CA GLU A 653 7.13 10.25 9.71
C GLU A 653 7.56 9.61 11.01
N ALA A 654 6.60 9.11 11.79
CA ALA A 654 6.86 8.43 13.07
C ALA A 654 7.78 7.23 12.82
N TYR A 655 7.44 6.37 11.87
CA TYR A 655 8.25 5.17 11.55
C TYR A 655 9.70 5.63 11.35
N CYS A 656 9.90 6.66 10.53
CA CYS A 656 11.22 7.13 10.06
C CYS A 656 12.09 7.54 11.25
N ARG A 657 11.51 8.29 12.19
CA ARG A 657 12.15 8.82 13.42
C ARG A 657 12.60 7.70 14.37
N GLY A 658 11.97 6.51 14.28
CA GLY A 658 12.38 5.34 15.07
C GLY A 658 13.27 4.39 14.28
N SER A 659 13.72 4.80 13.09
CA SER A 659 14.35 3.91 12.08
C SER A 659 15.35 4.72 11.21
N THR A 660 16.21 5.51 11.84
CA THR A 660 17.29 6.31 11.19
C THR A 660 18.17 5.44 10.27
N HIS A 661 18.57 4.24 10.67
CA HIS A 661 19.47 3.38 9.85
C HIS A 661 18.74 3.02 8.56
N HIS A 662 17.48 2.59 8.68
CA HIS A 662 16.70 2.03 7.54
C HIS A 662 16.26 3.17 6.65
N MET A 663 16.05 4.34 7.22
CA MET A 663 15.89 5.60 6.45
C MET A 663 16.96 5.66 5.37
N LYS A 664 18.20 5.33 5.71
CA LYS A 664 19.33 5.47 4.76
C LYS A 664 19.08 4.46 3.64
N VAL A 665 18.78 3.21 3.98
CA VAL A 665 18.46 2.16 2.96
C VAL A 665 17.28 2.59 2.07
N LEU A 666 16.21 3.15 2.63
CA LEU A 666 15.00 3.52 1.86
C LEU A 666 15.28 4.77 1.01
N MET A 667 16.11 5.69 1.49
CA MET A 667 16.53 6.85 0.67
C MET A 667 17.17 6.33 -0.63
N LYS A 668 18.13 5.40 -0.50
CA LYS A 668 18.88 4.82 -1.64
C LYS A 668 17.86 4.19 -2.61
N GLN A 669 16.87 3.47 -2.06
CA GLN A 669 15.88 2.72 -2.88
C GLN A 669 14.95 3.70 -3.62
N GLY A 670 14.57 4.79 -2.96
CA GLY A 670 13.71 5.85 -3.50
C GLY A 670 14.31 6.53 -4.72
N GLU A 671 15.64 6.67 -4.75
CA GLU A 671 16.34 7.39 -5.84
C GLU A 671 16.50 6.49 -7.04
N ALA A 672 16.89 5.23 -6.82
CA ALA A 672 16.82 4.14 -7.82
C ALA A 672 15.46 4.18 -8.52
N LEU A 673 14.37 4.25 -7.75
CA LEU A 673 13.01 4.16 -8.35
C LEU A 673 12.71 5.44 -9.13
N SER A 674 13.15 6.58 -8.62
CA SER A 674 12.98 7.91 -9.27
C SER A 674 13.70 7.87 -10.62
N LYS A 675 14.92 7.31 -10.63
CA LYS A 675 15.72 7.20 -11.87
C LYS A 675 15.05 6.23 -12.86
N LEU A 676 14.60 5.07 -12.38
CA LEU A 676 13.85 4.04 -13.19
C LEU A 676 12.55 4.60 -13.78
N LYS A 677 11.82 5.46 -13.06
CA LYS A 677 10.59 6.11 -13.58
C LYS A 677 11.01 6.92 -14.81
N ALA A 678 11.97 7.84 -14.63
CA ALA A 678 12.55 8.68 -15.68
C ALA A 678 13.06 7.80 -16.83
N LEU A 679 13.70 6.68 -16.51
CA LEU A 679 14.27 5.78 -17.53
C LEU A 679 13.13 5.15 -18.33
N ASN A 680 12.10 4.62 -17.64
CA ASN A 680 10.97 3.94 -18.31
C ASN A 680 10.21 4.93 -19.22
N ASP A 681 10.17 6.21 -18.84
CA ASP A 681 9.43 7.27 -19.58
C ASP A 681 10.16 7.58 -20.88
N PHE A 682 11.49 7.63 -20.85
CA PHE A 682 12.36 7.62 -22.07
C PHE A 682 11.99 6.41 -22.95
N VAL A 683 12.11 5.17 -22.46
CA VAL A 683 11.86 3.91 -23.25
C VAL A 683 10.44 3.89 -23.82
N LYS A 684 9.42 4.28 -23.06
CA LYS A 684 8.01 4.34 -23.52
C LYS A 684 7.90 5.14 -24.83
N LEU A 685 8.45 6.36 -24.84
CA LEU A 685 8.47 7.34 -25.97
C LEU A 685 9.18 6.69 -27.17
N SER A 686 10.42 6.23 -26.95
CA SER A 686 11.33 5.69 -27.99
C SER A 686 10.67 4.51 -28.72
N SER A 687 10.12 3.54 -27.98
CA SER A 687 9.38 2.36 -28.51
C SER A 687 8.46 2.78 -29.66
N GLN A 688 7.69 3.86 -29.46
CA GLN A 688 6.73 4.40 -30.46
C GLN A 688 7.46 5.11 -31.61
N LYS A 689 8.68 5.61 -31.37
CA LYS A 689 9.53 6.31 -32.38
C LYS A 689 10.34 5.31 -33.21
N THR A 690 10.98 4.30 -32.61
CA THR A 690 12.02 3.47 -33.28
C THR A 690 11.95 2.01 -32.87
N PRO A 691 12.50 1.08 -33.68
CA PRO A 691 12.61 -0.34 -33.31
C PRO A 691 13.55 -0.65 -32.15
N LYS A 692 13.41 -1.86 -31.61
CA LYS A 692 13.79 -2.19 -30.21
C LYS A 692 15.29 -2.14 -30.02
N PRO A 693 16.13 -2.74 -30.90
CA PRO A 693 17.58 -2.79 -30.68
C PRO A 693 18.29 -1.45 -30.41
N GLN A 694 17.80 -0.36 -31.01
CA GLN A 694 18.39 1.02 -30.92
C GLN A 694 17.78 1.78 -29.72
N THR A 695 16.49 1.57 -29.40
CA THR A 695 15.86 2.00 -28.12
C THR A 695 16.66 1.38 -26.96
N LYS A 696 16.86 0.06 -27.00
CA LYS A 696 17.70 -0.65 -26.00
C LYS A 696 19.04 0.08 -25.83
N GLU A 697 19.73 0.44 -26.93
CA GLU A 697 21.11 1.01 -26.88
C GLU A 697 21.08 2.45 -26.37
N LEU A 698 20.00 3.18 -26.65
CA LEU A 698 19.72 4.53 -26.05
C LEU A 698 19.41 4.43 -24.55
N MET A 699 18.77 3.34 -24.12
CA MET A 699 18.48 3.10 -22.68
C MET A 699 19.82 2.91 -21.97
N HIS A 700 20.72 2.07 -22.53
CA HIS A 700 22.10 1.86 -22.00
C HIS A 700 22.87 3.18 -21.86
N LEU A 701 22.86 4.06 -22.88
CA LEU A 701 23.55 5.38 -22.88
C LEU A 701 23.06 6.21 -21.69
N CYS A 702 21.74 6.22 -21.46
CA CYS A 702 21.06 7.02 -20.41
C CYS A 702 21.42 6.47 -19.02
N MET A 703 21.54 5.14 -18.91
CA MET A 703 21.87 4.44 -17.63
C MET A 703 23.33 4.69 -17.26
N ARG A 704 24.20 4.78 -18.27
CA ARG A 704 25.68 4.84 -18.10
C ARG A 704 26.12 6.19 -17.51
N GLN A 705 25.30 7.24 -17.66
CA GLN A 705 25.48 8.56 -17.01
C GLN A 705 25.74 8.45 -15.50
N GLU A 706 26.83 9.06 -15.03
CA GLU A 706 27.37 9.02 -13.64
C GLU A 706 26.20 8.96 -12.64
N ALA A 707 25.28 9.94 -12.66
CA ALA A 707 24.15 10.09 -11.69
C ALA A 707 23.28 8.82 -11.74
N TYR A 708 22.63 8.56 -12.88
CA TYR A 708 21.86 7.31 -13.14
C TYR A 708 22.64 6.12 -12.56
N LEU A 709 23.76 5.76 -13.17
CA LEU A 709 24.47 4.50 -12.81
C LEU A 709 24.66 4.42 -11.29
N GLU A 710 24.99 5.52 -10.61
CA GLU A 710 25.29 5.50 -9.15
C GLU A 710 24.00 5.27 -8.35
N ALA A 711 22.91 5.92 -8.75
CA ALA A 711 21.57 5.80 -8.16
C ALA A 711 21.08 4.34 -8.29
N LEU A 712 21.35 3.70 -9.43
CA LEU A 712 20.83 2.34 -9.72
C LEU A 712 21.79 1.28 -9.17
N SER A 713 22.92 1.65 -8.57
CA SER A 713 23.96 0.67 -8.15
C SER A 713 23.97 0.64 -6.62
N HIS A 714 24.42 -0.48 -6.05
CA HIS A 714 24.70 -0.62 -4.59
C HIS A 714 23.53 -0.07 -3.78
N LEU A 715 22.44 -0.84 -3.79
CA LEU A 715 21.26 -0.62 -2.94
C LEU A 715 20.74 -1.97 -2.47
N GLN A 716 20.09 -2.00 -1.32
CA GLN A 716 19.29 -3.18 -0.89
C GLN A 716 18.04 -3.27 -1.78
N SER A 717 17.67 -4.48 -2.18
CA SER A 717 16.43 -4.76 -2.95
C SER A 717 15.24 -4.29 -2.14
N PRO A 718 14.31 -3.46 -2.70
CA PRO A 718 13.05 -3.18 -2.03
C PRO A 718 12.23 -4.45 -1.81
N LEU A 719 12.45 -5.45 -2.66
CA LEU A 719 11.71 -6.74 -2.71
C LEU A 719 12.20 -7.64 -1.59
N ASP A 720 13.45 -7.47 -1.19
CA ASP A 720 14.09 -8.25 -0.10
C ASP A 720 15.30 -7.48 0.43
N PRO A 721 15.18 -6.73 1.54
CA PRO A 721 16.28 -5.89 2.03
C PRO A 721 17.59 -6.65 2.30
N SER A 722 17.51 -7.95 2.59
CA SER A 722 18.68 -8.84 2.80
C SER A 722 19.44 -9.08 1.47
N THR A 723 18.82 -8.88 0.32
CA THR A 723 19.46 -9.05 -1.01
C THR A 723 20.13 -7.74 -1.37
N LEU A 724 21.38 -7.81 -1.83
CA LEU A 724 22.11 -6.61 -2.28
C LEU A 724 22.07 -6.63 -3.80
N LEU A 725 21.45 -5.62 -4.40
CA LEU A 725 21.61 -5.27 -5.82
C LEU A 725 22.90 -4.42 -5.89
N ALA A 726 24.03 -5.01 -6.28
CA ALA A 726 25.36 -4.38 -6.14
C ALA A 726 25.68 -3.64 -7.43
N GLU A 727 25.94 -4.36 -8.52
CA GLU A 727 26.44 -3.82 -9.81
C GLU A 727 25.37 -4.01 -10.88
N VAL A 728 24.88 -2.91 -11.45
CA VAL A 728 24.01 -2.97 -12.65
C VAL A 728 24.82 -3.60 -13.79
N CYS A 729 24.24 -4.58 -14.51
CA CYS A 729 24.78 -5.22 -15.74
C CYS A 729 24.09 -4.63 -16.95
N VAL A 730 24.55 -3.46 -17.40
CA VAL A 730 23.87 -2.60 -18.42
C VAL A 730 23.56 -3.40 -19.70
N GLU A 731 24.50 -4.18 -20.24
CA GLU A 731 24.28 -4.88 -21.55
C GLU A 731 23.19 -5.97 -21.39
N GLN A 732 23.08 -6.60 -20.21
CA GLN A 732 21.98 -7.55 -19.87
C GLN A 732 20.65 -6.82 -19.51
N CYS A 733 20.66 -5.53 -19.17
CA CYS A 733 19.40 -4.76 -18.97
C CYS A 733 18.67 -4.53 -20.30
N THR A 734 17.34 -4.57 -20.27
CA THR A 734 16.45 -4.35 -21.43
C THR A 734 15.05 -3.98 -20.89
N PHE A 735 14.03 -4.02 -21.75
CA PHE A 735 12.60 -3.92 -21.37
C PHE A 735 11.76 -4.93 -22.16
N MET A 736 10.55 -5.22 -21.66
CA MET A 736 9.62 -6.26 -22.17
C MET A 736 8.57 -5.63 -23.10
N ASP A 737 7.96 -6.43 -23.98
CA ASP A 737 7.16 -5.91 -25.12
C ASP A 737 5.71 -5.69 -24.71
N SER A 738 5.34 -6.04 -23.47
CA SER A 738 4.09 -5.62 -22.79
C SER A 738 3.76 -4.15 -23.11
N LYS A 739 2.50 -3.78 -22.94
CA LYS A 739 1.98 -2.40 -23.18
C LYS A 739 2.91 -1.37 -22.51
N MET A 740 3.17 -1.52 -21.21
CA MET A 740 3.82 -0.47 -20.37
C MET A 740 5.36 -0.54 -20.46
N LYS A 741 5.92 -1.41 -21.29
CA LYS A 741 7.37 -1.46 -21.59
C LYS A 741 8.12 -1.53 -20.27
N PRO A 742 7.75 -2.48 -19.38
CA PRO A 742 8.39 -2.59 -18.08
C PRO A 742 9.88 -2.93 -18.26
N LEU A 743 10.75 -2.23 -17.52
CA LEU A 743 12.22 -2.43 -17.58
C LEU A 743 12.63 -3.72 -16.87
N TRP A 744 13.60 -4.41 -17.44
CA TRP A 744 14.17 -5.70 -16.99
C TRP A 744 15.62 -5.43 -16.59
N ILE A 745 15.88 -5.16 -15.32
CA ILE A 745 17.20 -4.65 -14.82
C ILE A 745 17.94 -5.85 -14.25
N MET A 746 19.17 -6.08 -14.68
CA MET A 746 20.03 -7.19 -14.21
C MET A 746 21.16 -6.64 -13.35
N TYR A 747 21.55 -7.43 -12.36
CA TYR A 747 22.50 -7.07 -11.29
C TYR A 747 23.41 -8.24 -11.04
N SER A 748 24.64 -7.94 -10.56
CA SER A 748 25.62 -8.87 -9.97
C SER A 748 25.66 -8.69 -8.44
N ASN A 749 26.37 -9.58 -7.75
CA ASN A 749 26.50 -9.67 -6.27
C ASN A 749 27.66 -10.61 -5.90
N GLU A 750 28.03 -10.66 -4.62
CA GLU A 750 29.11 -11.52 -4.05
C GLU A 750 28.54 -12.84 -3.55
N GLU A 751 27.36 -13.26 -4.04
CA GLU A 751 26.72 -14.54 -3.67
C GLU A 751 27.47 -15.68 -4.38
N ALA A 752 27.09 -16.93 -4.11
CA ALA A 752 27.78 -18.16 -4.55
C ALA A 752 27.54 -18.38 -6.06
N GLY A 753 26.33 -18.83 -6.43
CA GLY A 753 26.02 -19.32 -7.78
C GLY A 753 24.81 -18.64 -8.37
N SER A 754 23.67 -19.34 -8.35
CA SER A 754 22.39 -18.92 -8.99
C SER A 754 22.01 -17.52 -8.50
N GLY A 755 22.18 -17.27 -7.20
CA GLY A 755 21.92 -15.98 -6.53
C GLY A 755 23.00 -14.92 -6.76
N GLY A 756 24.10 -15.24 -7.46
CA GLY A 756 25.14 -14.28 -7.86
C GLY A 756 24.59 -13.24 -8.82
N SER A 757 23.66 -13.66 -9.69
CA SER A 757 22.88 -12.84 -10.65
C SER A 757 21.42 -12.75 -10.21
N VAL A 758 20.83 -11.55 -10.18
CA VAL A 758 19.41 -11.34 -9.79
C VAL A 758 18.84 -10.23 -10.66
N GLY A 759 17.53 -10.21 -10.78
CA GLY A 759 16.89 -9.28 -11.72
C GLY A 759 15.65 -8.70 -11.10
N ILE A 760 15.26 -7.53 -11.57
CA ILE A 760 14.02 -6.87 -11.11
C ILE A 760 13.31 -6.33 -12.35
N ILE A 761 12.00 -6.43 -12.34
CA ILE A 761 11.11 -5.75 -13.32
C ILE A 761 10.57 -4.52 -12.60
N PHE A 762 10.86 -3.33 -13.12
CA PHE A 762 10.25 -2.04 -12.71
C PHE A 762 9.08 -1.82 -13.64
N LYS A 763 7.84 -1.82 -13.12
CA LYS A 763 6.64 -1.63 -13.97
C LYS A 763 6.06 -0.24 -13.70
N ASN A 764 5.65 0.49 -14.72
CA ASN A 764 5.06 1.84 -14.50
C ASN A 764 3.88 2.02 -15.47
N GLY A 765 2.66 2.18 -14.94
CA GLY A 765 1.45 2.49 -15.71
C GLY A 765 0.29 1.58 -15.37
N ASP A 766 0.59 0.34 -14.98
CA ASP A 766 -0.39 -0.66 -14.48
C ASP A 766 -0.56 -0.54 -12.96
N ASP A 767 -1.68 -1.05 -12.46
CA ASP A 767 -1.92 -1.32 -11.03
C ASP A 767 -1.32 -2.69 -10.73
N LEU A 768 -0.39 -2.79 -9.77
CA LEU A 768 0.25 -4.10 -9.41
C LEU A 768 -0.44 -4.72 -8.19
N ARG A 769 -1.43 -4.04 -7.61
CA ARG A 769 -2.04 -4.35 -6.29
C ARG A 769 -2.74 -5.71 -6.38
N GLN A 770 -3.45 -5.95 -7.48
CA GLN A 770 -4.13 -7.24 -7.79
C GLN A 770 -3.12 -8.39 -7.76
N ASP A 771 -2.02 -8.27 -8.50
CA ASP A 771 -0.93 -9.29 -8.53
C ASP A 771 -0.34 -9.47 -7.14
N MET A 772 -0.16 -8.40 -6.36
CA MET A 772 0.45 -8.54 -5.03
C MET A 772 -0.47 -9.39 -4.17
N LEU A 773 -1.76 -9.04 -4.18
CA LEU A 773 -2.73 -9.72 -3.32
C LEU A 773 -2.70 -11.20 -3.66
N THR A 774 -2.73 -11.50 -4.96
CA THR A 774 -2.77 -12.88 -5.54
C THR A 774 -1.52 -13.64 -5.06
N LEU A 775 -0.35 -13.07 -5.31
CA LEU A 775 0.95 -13.64 -4.88
C LEU A 775 1.02 -13.79 -3.36
N GLN A 776 0.59 -12.78 -2.57
CA GLN A 776 0.47 -12.88 -1.09
C GLN A 776 -0.36 -14.16 -0.77
N MET A 777 -1.49 -14.36 -1.45
CA MET A 777 -2.43 -15.47 -1.13
C MET A 777 -1.82 -16.82 -1.54
N ILE A 778 -1.13 -16.89 -2.68
CA ILE A 778 -0.35 -18.09 -3.08
C ILE A 778 0.75 -18.34 -2.04
N GLN A 779 1.50 -17.31 -1.62
CA GLN A 779 2.52 -17.42 -0.53
C GLN A 779 1.82 -17.98 0.73
N LEU A 780 0.64 -17.47 1.12
CA LEU A 780 -0.04 -17.95 2.34
C LEU A 780 -0.40 -19.43 2.16
N MET A 781 -0.91 -19.81 0.99
CA MET A 781 -1.29 -21.20 0.63
C MET A 781 -0.09 -22.13 0.80
N ASP A 782 1.03 -21.80 0.15
CA ASP A 782 2.35 -22.48 0.27
C ASP A 782 2.75 -22.68 1.74
N VAL A 783 2.62 -21.67 2.59
CA VAL A 783 2.96 -21.82 4.03
C VAL A 783 2.02 -22.83 4.67
N LEU A 784 0.71 -22.66 4.50
CA LEU A 784 -0.34 -23.55 5.04
C LEU A 784 -0.08 -24.99 4.58
N TRP A 785 0.20 -25.19 3.29
CA TRP A 785 0.60 -26.51 2.74
C TRP A 785 1.89 -26.99 3.40
N LYS A 786 2.99 -26.23 3.33
CA LYS A 786 4.30 -26.62 3.95
C LYS A 786 4.14 -26.93 5.44
N GLN A 787 3.27 -26.21 6.15
CA GLN A 787 3.00 -26.39 7.61
C GLN A 787 2.54 -27.82 7.92
N GLU A 788 1.86 -28.48 6.99
CA GLU A 788 1.34 -29.87 7.16
C GLU A 788 2.16 -30.84 6.30
N GLY A 789 3.44 -30.55 6.01
CA GLY A 789 4.42 -31.48 5.43
C GLY A 789 4.17 -31.77 3.96
N LEU A 790 3.57 -30.82 3.24
CA LEU A 790 3.42 -30.91 1.77
C LEU A 790 4.10 -29.69 1.16
N ASP A 791 5.23 -29.89 0.46
CA ASP A 791 5.88 -28.85 -0.35
C ASP A 791 5.49 -29.05 -1.83
N LEU A 792 4.71 -28.13 -2.38
CA LEU A 792 4.32 -28.16 -3.81
C LEU A 792 5.23 -27.23 -4.64
N ARG A 793 6.46 -26.99 -4.22
CA ARG A 793 7.52 -26.46 -5.11
C ARG A 793 7.02 -25.18 -5.80
N MET A 794 6.34 -24.33 -5.04
CA MET A 794 5.75 -23.10 -5.62
C MET A 794 6.87 -22.08 -5.84
N THR A 795 6.56 -21.02 -6.56
CA THR A 795 7.50 -19.90 -6.85
C THR A 795 6.78 -18.62 -6.47
N PRO A 796 6.67 -18.29 -5.16
CA PRO A 796 5.95 -17.10 -4.70
C PRO A 796 6.92 -15.90 -4.75
N TYR A 797 7.14 -15.44 -5.97
CA TYR A 797 8.09 -14.35 -6.29
C TYR A 797 7.53 -13.09 -5.64
N GLY A 798 8.45 -12.18 -5.34
CA GLY A 798 8.19 -10.87 -4.76
C GLY A 798 7.52 -9.98 -5.75
N CYS A 799 6.55 -9.24 -5.24
CA CYS A 799 5.83 -8.16 -5.94
C CYS A 799 5.59 -7.03 -4.93
N LEU A 800 6.03 -5.81 -5.23
CA LEU A 800 5.98 -4.66 -4.29
C LEU A 800 5.51 -3.38 -4.98
N PRO A 801 4.27 -2.92 -4.77
CA PRO A 801 3.91 -1.56 -5.16
C PRO A 801 4.77 -0.57 -4.39
N THR A 802 5.31 0.42 -5.10
CA THR A 802 6.20 1.48 -4.54
C THR A 802 5.60 2.87 -4.71
N GLY A 803 4.66 3.05 -5.63
CA GLY A 803 4.18 4.41 -5.92
C GLY A 803 2.92 4.40 -6.73
N ASP A 804 2.47 5.58 -7.16
CA ASP A 804 1.38 5.76 -8.16
C ASP A 804 1.61 4.85 -9.39
N ARG A 805 0.86 3.75 -9.50
CA ARG A 805 0.86 2.81 -10.66
C ARG A 805 2.32 2.49 -10.99
N THR A 806 3.07 2.16 -9.95
CA THR A 806 4.50 1.83 -9.98
C THR A 806 4.82 0.76 -8.95
N GLY A 807 5.64 -0.21 -9.34
CA GLY A 807 6.25 -1.15 -8.41
C GLY A 807 7.31 -2.02 -9.06
N LEU A 808 7.78 -2.99 -8.28
CA LEU A 808 8.81 -3.95 -8.66
C LEU A 808 8.28 -5.38 -8.59
N ILE A 809 8.78 -6.22 -9.49
CA ILE A 809 8.56 -7.68 -9.55
C ILE A 809 9.94 -8.34 -9.57
N GLU A 810 10.07 -9.41 -8.80
CA GLU A 810 11.32 -10.19 -8.69
C GLU A 810 11.35 -11.08 -9.93
N VAL A 811 12.39 -10.99 -10.75
CA VAL A 811 12.57 -11.92 -11.90
C VAL A 811 12.92 -13.30 -11.33
N VAL A 812 12.15 -14.32 -11.70
CA VAL A 812 12.53 -15.75 -11.54
C VAL A 812 13.41 -16.07 -12.77
N LEU A 813 14.71 -16.29 -12.52
CA LEU A 813 15.70 -16.55 -13.61
C LEU A 813 15.54 -18.00 -14.08
N ARG A 814 16.15 -18.29 -15.23
CA ARG A 814 16.27 -19.67 -15.76
C ARG A 814 14.85 -20.20 -15.88
N SER A 815 13.97 -19.33 -16.38
CA SER A 815 12.54 -19.61 -16.64
C SER A 815 12.18 -19.03 -18.00
N ASP A 816 11.22 -19.64 -18.67
CA ASP A 816 10.66 -19.18 -19.97
C ASP A 816 9.17 -19.53 -19.97
N THR A 817 8.43 -18.80 -20.79
CA THR A 817 6.97 -19.02 -21.01
C THR A 817 6.79 -20.31 -21.82
N ILE A 818 5.66 -20.96 -21.63
CA ILE A 818 5.30 -22.22 -22.33
C ILE A 818 5.21 -21.98 -23.84
N ALA A 819 4.62 -20.88 -24.31
CA ALA A 819 4.59 -20.53 -25.75
C ALA A 819 6.04 -20.55 -26.30
N ASN A 820 6.97 -19.85 -25.64
CA ASN A 820 8.39 -19.74 -26.05
C ASN A 820 9.01 -21.14 -26.16
N ILE A 821 8.85 -21.97 -25.12
CA ILE A 821 9.48 -23.34 -25.11
C ILE A 821 8.88 -24.18 -26.24
N GLN A 822 7.61 -23.97 -26.60
CA GLN A 822 6.91 -24.66 -27.72
C GLN A 822 7.23 -23.94 -29.05
N LEU A 823 8.52 -23.76 -29.36
CA LEU A 823 9.07 -23.21 -30.64
C LEU A 823 10.41 -23.89 -30.96
N LYS A 836 5.17 -31.77 -29.99
CA LYS A 836 4.29 -32.70 -29.21
C LYS A 836 4.89 -32.93 -27.83
N ASP A 837 6.17 -33.34 -27.77
CA ASP A 837 6.94 -33.56 -26.52
C ASP A 837 7.91 -32.38 -26.34
N ALA A 838 7.49 -31.16 -26.73
CA ALA A 838 8.30 -29.92 -26.79
C ALA A 838 8.69 -29.45 -25.37
N LEU A 839 7.77 -29.49 -24.41
CA LEU A 839 8.06 -29.28 -22.97
C LEU A 839 8.96 -30.40 -22.48
N LEU A 840 8.57 -31.65 -22.76
CA LEU A 840 9.27 -32.87 -22.29
C LEU A 840 10.75 -32.86 -22.77
N ASN A 841 11.00 -32.42 -24.00
CA ASN A 841 12.35 -32.24 -24.60
C ASN A 841 13.09 -31.15 -23.82
N TRP A 842 12.49 -29.96 -23.73
CA TRP A 842 13.06 -28.81 -22.98
C TRP A 842 13.51 -29.24 -21.57
N LEU A 843 12.78 -30.13 -20.92
CA LEU A 843 13.18 -30.63 -19.58
C LEU A 843 14.35 -31.59 -19.70
N LYS A 844 14.41 -32.35 -20.79
CA LYS A 844 15.51 -33.33 -21.03
C LYS A 844 16.82 -32.53 -21.18
N SER A 845 16.82 -31.53 -22.06
CA SER A 845 17.96 -30.60 -22.33
C SER A 845 18.42 -29.81 -21.07
N LYS A 846 17.53 -29.53 -20.11
CA LYS A 846 17.84 -28.73 -18.88
C LYS A 846 18.14 -29.65 -17.69
N ASN A 847 17.63 -30.89 -17.74
CA ASN A 847 17.85 -31.98 -16.75
C ASN A 847 18.23 -33.24 -17.51
N PRO A 848 19.47 -33.31 -18.07
CA PRO A 848 19.90 -34.48 -18.83
C PRO A 848 20.08 -35.68 -17.88
N GLY A 849 19.95 -36.90 -18.44
CA GLY A 849 20.23 -38.14 -17.70
C GLY A 849 19.41 -38.21 -16.43
N GLU A 850 20.05 -38.42 -15.27
CA GLU A 850 19.38 -38.88 -14.01
C GLU A 850 18.70 -37.70 -13.27
N ALA A 851 18.73 -36.48 -13.83
CA ALA A 851 18.13 -35.27 -13.23
C ALA A 851 16.66 -35.13 -13.66
N LEU A 852 16.25 -35.82 -14.72
CA LEU A 852 14.93 -35.63 -15.36
C LEU A 852 13.81 -36.05 -14.42
N ASP A 853 13.91 -37.22 -13.76
CA ASP A 853 12.88 -37.69 -12.80
C ASP A 853 12.56 -36.59 -11.78
N ARG A 854 13.58 -35.85 -11.28
CA ARG A 854 13.39 -34.73 -10.32
C ARG A 854 12.55 -33.68 -11.03
N ALA A 855 12.99 -33.25 -12.21
CA ALA A 855 12.33 -32.16 -12.97
C ALA A 855 10.86 -32.46 -13.28
N ILE A 856 10.47 -33.72 -13.54
CA ILE A 856 9.05 -34.14 -13.74
C ILE A 856 8.31 -34.01 -12.40
N GLU A 857 8.94 -34.36 -11.28
CA GLU A 857 8.36 -34.27 -9.91
C GLU A 857 8.14 -32.78 -9.54
N GLU A 858 9.12 -31.93 -9.83
CA GLU A 858 9.04 -30.47 -9.62
C GLU A 858 7.80 -29.94 -10.36
N PHE A 859 7.68 -30.29 -11.63
CA PHE A 859 6.58 -29.93 -12.56
C PHE A 859 5.22 -30.44 -12.05
N THR A 860 5.13 -31.75 -11.76
CA THR A 860 3.95 -32.44 -11.16
C THR A 860 3.47 -31.67 -9.93
N LEU A 861 4.34 -31.46 -8.93
CA LEU A 861 3.96 -30.93 -7.58
C LEU A 861 3.48 -29.48 -7.76
N SER A 862 4.26 -28.68 -8.48
CA SER A 862 3.93 -27.26 -8.78
C SER A 862 2.63 -27.18 -9.59
N CYS A 863 2.46 -28.03 -10.60
CA CYS A 863 1.26 -28.00 -11.47
C CYS A 863 0.03 -28.15 -10.58
N ALA A 864 0.06 -29.10 -9.64
CA ALA A 864 -1.02 -29.38 -8.68
C ALA A 864 -1.33 -28.08 -7.93
N GLY A 865 -0.30 -27.48 -7.33
CA GLY A 865 -0.41 -26.30 -6.46
C GLY A 865 -1.06 -25.12 -7.18
N TYR A 866 -0.59 -24.82 -8.37
CA TYR A 866 -1.13 -23.70 -9.18
C TYR A 866 -2.50 -24.09 -9.77
N CYS A 867 -2.79 -25.38 -9.91
CA CYS A 867 -4.12 -25.83 -10.40
C CYS A 867 -5.16 -25.53 -9.31
N VAL A 868 -4.86 -25.92 -8.05
CA VAL A 868 -5.73 -25.68 -6.88
C VAL A 868 -5.82 -24.16 -6.61
N ALA A 869 -4.69 -23.47 -6.66
CA ALA A 869 -4.58 -22.04 -6.30
C ALA A 869 -5.50 -21.25 -7.24
N THR A 870 -5.26 -21.33 -8.55
CA THR A 870 -6.06 -20.58 -9.58
C THR A 870 -7.55 -20.97 -9.51
N TYR A 871 -7.86 -22.23 -9.22
CA TYR A 871 -9.25 -22.69 -9.02
C TYR A 871 -9.88 -21.90 -7.87
N VAL A 872 -9.30 -22.01 -6.68
CA VAL A 872 -9.84 -21.42 -5.42
C VAL A 872 -10.01 -19.89 -5.57
N LEU A 873 -8.99 -19.18 -6.03
CA LEU A 873 -9.03 -17.71 -6.22
C LEU A 873 -9.88 -17.29 -7.43
N GLY A 874 -10.26 -18.19 -8.33
CA GLY A 874 -11.09 -17.85 -9.50
C GLY A 874 -10.30 -17.11 -10.54
N ILE A 875 -9.05 -17.55 -10.81
CA ILE A 875 -8.15 -16.85 -11.76
C ILE A 875 -8.28 -17.57 -13.09
N GLY A 876 -9.01 -16.97 -14.03
CA GLY A 876 -9.11 -17.45 -15.42
C GLY A 876 -8.07 -16.77 -16.31
N ASP A 877 -8.26 -16.90 -17.61
CA ASP A 877 -7.39 -16.36 -18.69
C ASP A 877 -5.96 -16.92 -18.56
N ARG A 878 -5.85 -18.19 -18.20
CA ARG A 878 -4.55 -18.87 -17.98
C ARG A 878 -4.16 -19.56 -19.28
N HIS A 879 -3.08 -19.09 -19.91
CA HIS A 879 -2.59 -19.57 -21.22
C HIS A 879 -1.06 -19.58 -21.23
N SER A 880 -0.49 -20.08 -22.33
CA SER A 880 0.96 -20.35 -22.54
C SER A 880 1.79 -19.05 -22.53
N ASP A 881 1.17 -17.90 -22.71
CA ASP A 881 1.81 -16.57 -22.68
C ASP A 881 1.99 -16.09 -21.24
N ASN A 882 1.23 -16.62 -20.28
CA ASN A 882 1.25 -16.18 -18.86
C ASN A 882 1.54 -17.38 -17.92
N ILE A 883 1.94 -18.54 -18.44
CA ILE A 883 2.40 -19.68 -17.58
C ILE A 883 3.84 -19.97 -17.96
N MET A 884 4.68 -20.23 -16.96
CA MET A 884 6.16 -20.32 -17.12
C MET A 884 6.70 -21.60 -16.51
N ILE A 885 7.77 -22.15 -17.09
CA ILE A 885 8.53 -23.31 -16.53
C ILE A 885 9.91 -22.80 -16.09
N ARG A 886 10.37 -23.25 -14.94
CA ARG A 886 11.76 -23.12 -14.47
C ARG A 886 12.55 -24.33 -14.99
N GLU A 887 13.83 -24.14 -15.27
CA GLU A 887 14.74 -25.24 -15.73
C GLU A 887 14.72 -26.38 -14.71
N SER A 888 14.56 -26.09 -13.42
CA SER A 888 14.31 -27.12 -12.37
C SER A 888 13.10 -28.02 -12.73
N GLY A 889 12.19 -27.53 -13.58
CA GLY A 889 10.93 -28.20 -13.94
C GLY A 889 9.69 -27.50 -13.35
N GLN A 890 9.85 -26.61 -12.36
CA GLN A 890 8.72 -26.00 -11.61
C GLN A 890 7.87 -25.15 -12.56
N LEU A 891 6.58 -25.41 -12.53
CA LEU A 891 5.58 -24.54 -13.18
C LEU A 891 5.24 -23.40 -12.22
N PHE A 892 5.00 -22.20 -12.74
CA PHE A 892 4.41 -21.08 -11.97
C PHE A 892 3.72 -20.16 -12.98
N HIS A 893 2.82 -19.34 -12.46
CA HIS A 893 1.95 -18.40 -13.22
C HIS A 893 2.46 -16.98 -12.98
N ILE A 894 2.08 -16.06 -13.87
CA ILE A 894 2.45 -14.61 -13.86
C ILE A 894 1.27 -13.78 -14.37
N ASP A 895 1.33 -12.47 -14.15
CA ASP A 895 0.38 -11.49 -14.74
C ASP A 895 -1.03 -11.94 -14.33
N PHE A 896 -1.28 -12.03 -13.04
CA PHE A 896 -2.63 -12.27 -12.47
C PHE A 896 -3.46 -11.00 -12.62
N GLY A 897 -4.11 -10.86 -13.77
CA GLY A 897 -4.93 -9.69 -14.08
C GLY A 897 -6.24 -9.77 -13.33
N HIS A 898 -6.87 -10.94 -13.42
CA HIS A 898 -8.24 -11.24 -12.94
C HIS A 898 -8.16 -12.13 -11.71
N PHE A 899 -9.17 -12.08 -10.85
CA PHE A 899 -9.52 -13.19 -9.92
C PHE A 899 -10.98 -13.05 -9.48
N LEU A 900 -11.44 -14.04 -8.71
CA LEU A 900 -12.82 -14.21 -8.20
C LEU A 900 -13.85 -14.21 -9.35
N GLY A 901 -13.47 -14.78 -10.50
CA GLY A 901 -14.30 -14.93 -11.71
C GLY A 901 -14.26 -13.75 -12.67
N ASN A 902 -13.67 -12.61 -12.30
CA ASN A 902 -13.80 -11.30 -13.03
C ASN A 902 -12.59 -11.11 -13.96
N GLU A 912 -18.79 -15.16 -13.72
CA GLU A 912 -19.11 -16.62 -13.84
C GLU A 912 -18.01 -17.45 -13.17
N ARG A 913 -18.34 -18.65 -12.69
CA ARG A 913 -17.38 -19.57 -12.03
C ARG A 913 -16.32 -20.05 -13.04
N VAL A 914 -15.05 -19.86 -12.70
CA VAL A 914 -13.88 -20.44 -13.42
C VAL A 914 -13.83 -21.91 -13.05
N PRO A 915 -13.94 -22.88 -13.99
CA PRO A 915 -13.82 -24.29 -13.62
C PRO A 915 -12.37 -24.63 -13.24
N PHE A 916 -12.22 -25.70 -12.46
CA PHE A 916 -10.92 -26.40 -12.28
C PHE A 916 -10.42 -26.79 -13.67
N ILE A 917 -9.13 -26.59 -13.93
CA ILE A 917 -8.58 -26.64 -15.31
C ILE A 917 -7.32 -27.53 -15.33
N LEU A 918 -7.40 -28.65 -16.07
CA LEU A 918 -6.25 -29.52 -16.44
C LEU A 918 -5.90 -29.32 -17.91
N THR A 919 -4.61 -29.06 -18.18
CA THR A 919 -4.06 -28.87 -19.54
C THR A 919 -3.41 -30.18 -19.96
N TYR A 920 -3.75 -30.68 -21.15
CA TYR A 920 -3.37 -32.03 -21.63
C TYR A 920 -1.84 -32.13 -21.63
N ASP A 921 -1.19 -31.15 -22.24
CA ASP A 921 0.30 -31.12 -22.30
C ASP A 921 0.95 -31.20 -20.90
N PHE A 922 0.30 -30.75 -19.82
CA PHE A 922 0.84 -30.88 -18.43
C PHE A 922 0.57 -32.30 -17.93
N VAL A 923 -0.60 -32.84 -18.29
CA VAL A 923 -0.94 -34.24 -17.94
C VAL A 923 0.10 -35.13 -18.65
N HIS A 924 0.50 -34.77 -19.86
CA HIS A 924 1.47 -35.52 -20.71
C HIS A 924 2.78 -35.66 -19.95
N VAL A 925 3.33 -34.53 -19.47
CA VAL A 925 4.62 -34.44 -18.74
C VAL A 925 4.51 -35.19 -17.41
N ILE A 926 3.40 -35.01 -16.68
CA ILE A 926 3.14 -35.73 -15.40
C ILE A 926 3.25 -37.24 -15.61
N GLN A 927 2.69 -37.75 -16.70
CA GLN A 927 2.61 -39.21 -17.02
C GLN A 927 3.95 -39.74 -17.57
N GLN A 928 4.95 -38.86 -17.77
CA GLN A 928 6.34 -39.20 -18.18
C GLN A 928 6.37 -39.51 -19.68
N GLY A 929 5.55 -38.81 -20.47
CA GLY A 929 5.36 -38.99 -21.92
C GLY A 929 4.40 -40.12 -22.29
N LYS A 930 3.97 -40.96 -21.33
CA LYS A 930 3.09 -42.15 -21.63
C LYS A 930 1.65 -41.67 -21.88
N THR A 931 0.95 -42.33 -22.80
CA THR A 931 -0.52 -42.15 -23.03
C THR A 931 -1.27 -42.41 -21.72
N ASN A 932 -0.94 -43.52 -21.08
CA ASN A 932 -1.55 -44.01 -19.83
C ASN A 932 -0.43 -44.31 -18.82
N ASN A 933 -0.53 -43.74 -17.61
CA ASN A 933 0.40 -43.92 -16.47
C ASN A 933 -0.39 -43.66 -15.19
N SER A 934 -1.16 -44.64 -14.75
CA SER A 934 -2.16 -44.44 -13.68
C SER A 934 -1.43 -44.14 -12.37
N GLU A 935 -0.39 -44.92 -12.06
CA GLU A 935 0.42 -44.84 -10.81
C GLU A 935 0.73 -43.36 -10.53
N LYS A 936 1.38 -42.71 -11.49
CA LYS A 936 1.86 -41.32 -11.40
C LYS A 936 0.62 -40.41 -11.29
N PHE A 937 -0.27 -40.47 -12.28
CA PHE A 937 -1.49 -39.62 -12.39
C PHE A 937 -2.32 -39.63 -11.10
N GLU A 938 -2.42 -40.74 -10.37
CA GLU A 938 -3.12 -40.79 -9.06
C GLU A 938 -2.36 -39.93 -8.04
N ARG A 939 -1.03 -39.98 -8.04
CA ARG A 939 -0.18 -39.18 -7.10
C ARG A 939 -0.47 -37.68 -7.32
N PHE A 940 -0.64 -37.28 -8.57
CA PHE A 940 -0.95 -35.89 -8.97
C PHE A 940 -2.34 -35.53 -8.48
N ARG A 941 -3.26 -36.50 -8.55
CA ARG A 941 -4.67 -36.28 -8.14
C ARG A 941 -4.68 -36.09 -6.62
N GLY A 942 -3.89 -36.86 -5.86
CA GLY A 942 -3.80 -36.74 -4.39
C GLY A 942 -3.20 -35.41 -3.95
N TYR A 943 -2.10 -34.98 -4.57
CA TYR A 943 -1.48 -33.64 -4.41
C TYR A 943 -2.55 -32.55 -4.56
N CYS A 944 -3.22 -32.45 -5.72
CA CYS A 944 -4.40 -31.56 -5.90
C CYS A 944 -5.42 -31.70 -4.76
N GLU A 945 -5.73 -32.93 -4.30
CA GLU A 945 -6.86 -33.17 -3.36
C GLU A 945 -6.45 -32.81 -1.93
N ARG A 946 -5.27 -33.28 -1.52
CA ARG A 946 -4.66 -32.94 -0.21
C ARG A 946 -4.56 -31.41 -0.09
N ALA A 947 -4.05 -30.76 -1.13
CA ALA A 947 -3.89 -29.29 -1.25
C ALA A 947 -5.24 -28.60 -1.06
N TYR A 948 -6.25 -28.98 -1.84
CA TYR A 948 -7.63 -28.43 -1.73
C TYR A 948 -8.19 -28.65 -0.32
N THR A 949 -7.81 -29.74 0.36
CA THR A 949 -8.30 -30.14 1.71
C THR A 949 -7.73 -29.22 2.79
N ILE A 950 -6.45 -28.83 2.65
CA ILE A 950 -5.70 -28.00 3.63
C ILE A 950 -6.19 -26.55 3.55
N LEU A 951 -6.55 -26.08 2.37
CA LEU A 951 -7.09 -24.72 2.20
C LEU A 951 -8.49 -24.63 2.80
N ARG A 952 -9.33 -25.66 2.66
CA ARG A 952 -10.70 -25.66 3.24
C ARG A 952 -10.62 -25.60 4.77
N ARG A 953 -9.72 -26.37 5.38
CA ARG A 953 -9.49 -26.29 6.84
C ARG A 953 -9.24 -24.84 7.28
N HIS A 954 -8.55 -24.02 6.46
CA HIS A 954 -8.16 -22.61 6.77
C HIS A 954 -8.98 -21.62 5.95
N GLY A 955 -10.21 -21.97 5.56
CA GLY A 955 -11.00 -21.15 4.63
C GLY A 955 -11.52 -19.87 5.27
N LEU A 956 -11.95 -19.90 6.54
CA LEU A 956 -12.31 -18.69 7.33
C LEU A 956 -11.16 -17.66 7.29
N LEU A 957 -9.88 -18.10 7.33
CA LEU A 957 -8.73 -17.16 7.33
C LEU A 957 -8.73 -16.41 5.97
N PHE A 958 -8.84 -17.13 4.86
CA PHE A 958 -9.02 -16.58 3.50
C PHE A 958 -10.21 -15.61 3.45
N LEU A 959 -11.38 -15.99 3.95
CA LEU A 959 -12.57 -15.09 3.96
C LEU A 959 -12.28 -13.80 4.74
N HIS A 960 -11.72 -13.92 5.94
CA HIS A 960 -11.49 -12.75 6.83
C HIS A 960 -10.50 -11.82 6.16
N LEU A 961 -9.37 -12.34 5.69
CA LEU A 961 -8.36 -11.57 4.93
C LEU A 961 -9.00 -10.93 3.68
N PHE A 962 -9.83 -11.65 2.96
CA PHE A 962 -10.51 -11.07 1.76
C PHE A 962 -11.50 -9.99 2.21
N ALA A 963 -12.19 -10.18 3.34
CA ALA A 963 -13.17 -9.19 3.86
C ALA A 963 -12.49 -7.84 4.10
N LEU A 964 -11.34 -7.83 4.77
CA LEU A 964 -10.52 -6.61 5.07
C LEU A 964 -10.00 -5.94 3.79
N MET A 965 -9.60 -6.69 2.76
CA MET A 965 -9.11 -6.16 1.46
C MET A 965 -10.17 -5.36 0.70
N ARG A 966 -11.46 -5.52 1.01
CA ARG A 966 -12.55 -4.67 0.45
C ARG A 966 -12.25 -3.17 0.68
N ALA A 967 -11.55 -2.85 1.78
CA ALA A 967 -11.03 -1.50 2.12
C ALA A 967 -10.17 -0.90 1.00
N ALA A 968 -9.39 -1.73 0.31
CA ALA A 968 -8.46 -1.33 -0.78
C ALA A 968 -9.23 -0.84 -2.02
N GLY A 969 -10.48 -1.23 -2.21
CA GLY A 969 -11.28 -0.76 -3.37
C GLY A 969 -10.70 -1.25 -4.69
N LEU A 970 -10.18 -2.46 -4.73
CA LEU A 970 -9.86 -3.14 -6.00
C LEU A 970 -11.17 -3.40 -6.76
N PRO A 971 -11.22 -3.16 -8.10
CA PRO A 971 -12.41 -3.48 -8.90
C PRO A 971 -12.98 -4.90 -8.66
N GLU A 972 -12.09 -5.91 -8.59
CA GLU A 972 -12.47 -7.34 -8.54
C GLU A 972 -12.76 -7.81 -7.11
N LEU A 973 -12.57 -6.95 -6.11
CA LEU A 973 -12.90 -7.29 -4.70
C LEU A 973 -13.62 -6.08 -4.06
N SER A 974 -14.89 -5.92 -4.42
CA SER A 974 -15.76 -4.78 -4.05
C SER A 974 -16.83 -5.16 -3.01
N CYS A 975 -17.26 -6.43 -2.94
CA CYS A 975 -18.58 -6.75 -2.32
C CYS A 975 -18.68 -8.20 -1.84
N SER A 976 -19.70 -8.46 -1.04
CA SER A 976 -20.13 -9.77 -0.46
C SER A 976 -20.12 -10.91 -1.48
N LYS A 977 -20.47 -10.64 -2.74
CA LYS A 977 -20.48 -11.66 -3.85
C LYS A 977 -19.05 -12.12 -4.13
N ASP A 978 -18.09 -11.18 -4.15
CA ASP A 978 -16.65 -11.43 -4.42
C ASP A 978 -16.08 -12.32 -3.31
N ILE A 979 -16.47 -12.04 -2.07
CA ILE A 979 -16.25 -12.89 -0.86
C ILE A 979 -16.96 -14.23 -1.06
N GLN A 980 -18.24 -14.22 -1.49
CA GLN A 980 -19.07 -15.45 -1.68
C GLN A 980 -18.32 -16.45 -2.56
N TYR A 981 -17.71 -15.96 -3.65
CA TYR A 981 -16.95 -16.78 -4.63
C TYR A 981 -15.97 -17.71 -3.91
N LEU A 982 -15.28 -17.25 -2.87
CA LEU A 982 -14.33 -18.07 -2.09
C LEU A 982 -15.06 -19.15 -1.30
N LYS A 983 -16.19 -18.83 -0.65
CA LYS A 983 -17.01 -19.82 0.11
C LYS A 983 -17.42 -20.97 -0.82
N ASP A 984 -17.79 -20.67 -2.06
CA ASP A 984 -18.28 -21.67 -3.06
C ASP A 984 -17.09 -22.43 -3.67
N SER A 985 -15.95 -21.77 -3.91
CA SER A 985 -14.70 -22.36 -4.48
C SER A 985 -14.16 -23.41 -3.50
N LEU A 986 -14.17 -23.04 -2.22
CA LEU A 986 -13.70 -23.89 -1.09
C LEU A 986 -14.90 -24.69 -0.56
N ALA A 987 -16.12 -24.38 -0.97
CA ALA A 987 -17.30 -25.20 -0.60
C ALA A 987 -17.33 -25.35 0.93
N LEU A 988 -17.32 -24.21 1.64
CA LEU A 988 -17.30 -24.11 3.12
C LEU A 988 -18.69 -24.39 3.71
N GLY A 989 -19.75 -24.34 2.89
CA GLY A 989 -21.15 -24.65 3.28
C GLY A 989 -21.49 -26.13 3.14
N LYS A 990 -20.47 -26.98 2.94
CA LYS A 990 -20.57 -28.44 2.73
C LYS A 990 -19.59 -29.10 3.69
N THR A 991 -19.87 -30.34 4.11
CA THR A 991 -18.95 -31.20 4.92
C THR A 991 -17.70 -31.54 4.11
N GLU A 992 -16.67 -31.99 4.80
CA GLU A 992 -15.32 -32.22 4.22
C GLU A 992 -15.41 -33.26 3.09
N GLU A 993 -16.17 -34.34 3.29
CA GLU A 993 -16.24 -35.48 2.34
C GLU A 993 -17.05 -35.05 1.11
N GLU A 994 -18.22 -34.46 1.33
CA GLU A 994 -19.10 -33.83 0.30
C GLU A 994 -18.29 -32.88 -0.58
N ALA A 995 -17.50 -32.00 0.04
CA ALA A 995 -16.61 -31.04 -0.67
C ALA A 995 -15.65 -31.82 -1.57
N LEU A 996 -15.00 -32.83 -0.98
CA LEU A 996 -13.94 -33.63 -1.66
C LEU A 996 -14.57 -34.42 -2.81
N LYS A 997 -15.83 -34.82 -2.65
CA LYS A 997 -16.58 -35.56 -3.70
C LYS A 997 -16.90 -34.62 -4.87
N HIS A 998 -17.21 -33.35 -4.58
CA HIS A 998 -17.58 -32.35 -5.59
C HIS A 998 -16.33 -31.98 -6.39
N PHE A 999 -15.22 -31.77 -5.68
CA PHE A 999 -13.87 -31.48 -6.23
C PHE A 999 -13.48 -32.57 -7.24
N ARG A 1000 -13.66 -33.84 -6.85
CA ARG A 1000 -13.35 -35.03 -7.66
C ARG A 1000 -14.12 -34.95 -8.98
N VAL A 1001 -15.38 -34.53 -8.94
CA VAL A 1001 -16.27 -34.50 -10.14
C VAL A 1001 -15.70 -33.45 -11.09
N LYS A 1002 -15.38 -32.29 -10.53
CA LYS A 1002 -14.78 -31.14 -11.25
C LYS A 1002 -13.43 -31.56 -11.83
N PHE A 1003 -12.58 -32.21 -11.02
CA PHE A 1003 -11.33 -32.87 -11.47
C PHE A 1003 -11.60 -33.70 -12.73
N ASN A 1004 -12.47 -34.71 -12.59
CA ASN A 1004 -12.84 -35.68 -13.66
C ASN A 1004 -13.32 -34.94 -14.92
N GLU A 1005 -14.24 -33.99 -14.76
CA GLU A 1005 -14.78 -33.20 -15.91
C GLU A 1005 -13.65 -32.42 -16.60
N ALA A 1006 -12.78 -31.77 -15.83
CA ALA A 1006 -11.57 -31.06 -16.33
C ALA A 1006 -10.63 -32.03 -17.08
N LEU A 1007 -10.53 -33.28 -16.65
CA LEU A 1007 -9.72 -34.27 -17.40
C LEU A 1007 -10.39 -34.53 -18.75
N ARG A 1008 -11.70 -34.82 -18.78
CA ARG A 1008 -12.50 -35.02 -20.03
C ARG A 1008 -12.47 -33.75 -20.89
N GLU A 1009 -12.60 -32.57 -20.28
CA GLU A 1009 -12.43 -31.29 -20.99
C GLU A 1009 -10.97 -31.13 -21.49
N SER A 1010 -9.98 -31.76 -20.84
CA SER A 1010 -8.55 -31.66 -21.24
C SER A 1010 -8.36 -32.21 -22.66
N TRP A 1011 -8.90 -33.40 -22.93
CA TRP A 1011 -8.86 -34.07 -24.26
C TRP A 1011 -9.50 -33.18 -25.34
N LYS A 1012 -10.71 -32.68 -25.11
CA LYS A 1012 -11.54 -31.99 -26.14
C LYS A 1012 -10.91 -30.67 -26.59
N THR A 1013 -10.24 -29.95 -25.68
CA THR A 1013 -9.48 -28.71 -25.97
C THR A 1013 -8.32 -29.03 -26.93
N LYS A 1014 -7.43 -29.96 -26.55
CA LYS A 1014 -6.15 -30.27 -27.28
C LYS A 1014 -6.45 -30.81 -28.69
N VAL A 1015 -7.58 -31.53 -28.87
CA VAL A 1015 -8.03 -32.16 -30.16
C VAL A 1015 -8.28 -31.09 -31.23
N ASN A 1016 -8.55 -29.83 -30.85
CA ASN A 1016 -8.85 -28.71 -31.78
C ASN A 1016 -7.61 -27.79 -31.89
N TRP A 1017 -6.70 -28.10 -32.81
CA TRP A 1017 -5.47 -27.32 -33.12
C TRP A 1017 -5.04 -27.59 -34.57
N LEU A 1018 -3.90 -27.03 -35.01
CA LEU A 1018 -3.30 -27.23 -36.36
C LEU A 1018 -1.77 -27.21 -36.26
N GLN B 2 -54.95 -7.31 -9.53
CA GLN B 2 -54.73 -6.84 -8.09
C GLN B 2 -53.30 -6.33 -7.92
N GLN B 3 -52.31 -7.18 -8.22
CA GLN B 3 -50.84 -6.96 -8.04
C GLN B 3 -50.31 -6.25 -9.29
N ASP B 4 -50.12 -4.92 -9.22
CA ASP B 4 -49.79 -4.04 -10.39
C ASP B 4 -48.26 -3.85 -10.47
N ASP B 10 -44.12 -7.51 -24.63
CA ASP B 10 -43.58 -7.89 -25.97
C ASP B 10 -42.84 -9.24 -25.87
N ASN B 11 -42.51 -9.83 -27.03
CA ASN B 11 -41.89 -11.17 -27.19
C ASN B 11 -40.44 -11.20 -26.66
N ILE B 12 -39.90 -12.41 -26.47
CA ILE B 12 -38.54 -12.66 -25.89
C ILE B 12 -37.44 -12.12 -26.82
N GLU B 13 -37.48 -12.45 -28.10
CA GLU B 13 -36.45 -12.01 -29.08
C GLU B 13 -36.38 -10.49 -29.13
N ALA B 14 -37.51 -9.81 -29.01
CA ALA B 14 -37.56 -8.33 -29.04
C ALA B 14 -36.95 -7.78 -27.76
N VAL B 15 -37.27 -8.36 -26.59
CA VAL B 15 -36.74 -7.90 -25.27
C VAL B 15 -35.24 -8.24 -25.19
N GLY B 16 -34.82 -9.37 -25.76
CA GLY B 16 -33.41 -9.76 -25.92
C GLY B 16 -32.65 -8.79 -26.79
N LYS B 17 -33.28 -8.22 -27.82
CA LYS B 17 -32.63 -7.27 -28.74
C LYS B 17 -32.37 -6.00 -27.92
N LYS B 18 -33.37 -5.58 -27.16
CA LYS B 18 -33.29 -4.33 -26.38
C LYS B 18 -32.30 -4.52 -25.20
N LEU B 19 -32.24 -5.71 -24.59
CA LEU B 19 -31.22 -6.05 -23.58
C LEU B 19 -29.84 -5.79 -24.19
N HIS B 20 -29.56 -6.36 -25.38
CA HIS B 20 -28.27 -6.19 -26.12
C HIS B 20 -27.98 -4.70 -26.34
N GLU B 21 -28.92 -3.98 -26.93
CA GLU B 21 -28.80 -2.51 -27.15
C GLU B 21 -28.46 -1.81 -25.83
N TYR B 22 -29.37 -1.82 -24.86
CA TYR B 22 -29.21 -1.15 -23.54
C TYR B 22 -27.89 -1.55 -22.87
N ASN B 23 -27.47 -2.82 -22.95
CA ASN B 23 -26.18 -3.27 -22.38
C ASN B 23 -25.04 -2.56 -23.10
N THR B 24 -25.08 -2.52 -24.43
CA THR B 24 -24.06 -1.87 -25.29
C THR B 24 -23.97 -0.37 -24.96
N GLN B 25 -25.12 0.30 -24.87
CA GLN B 25 -25.23 1.72 -24.47
C GLN B 25 -24.66 1.92 -23.06
N PHE B 26 -24.87 0.96 -22.15
CA PHE B 26 -24.40 1.02 -20.74
C PHE B 26 -22.88 0.90 -20.69
N GLN B 27 -22.32 -0.09 -21.39
CA GLN B 27 -20.85 -0.35 -21.44
C GLN B 27 -20.15 0.88 -22.01
N GLU B 28 -20.69 1.45 -23.09
CA GLU B 28 -20.17 2.67 -23.76
C GLU B 28 -20.17 3.84 -22.77
N LYS B 29 -21.26 4.02 -22.04
CA LYS B 29 -21.44 5.16 -21.11
C LYS B 29 -20.55 4.95 -19.89
N SER B 30 -20.18 3.70 -19.56
CA SER B 30 -19.26 3.36 -18.43
C SER B 30 -17.84 3.78 -18.83
N ARG B 31 -17.43 3.41 -20.03
CA ARG B 31 -16.09 3.72 -20.62
C ARG B 31 -15.95 5.24 -20.69
N GLU B 32 -17.02 5.93 -21.06
CA GLU B 32 -17.00 7.41 -21.16
C GLU B 32 -16.70 7.95 -19.75
N TYR B 33 -17.58 7.66 -18.79
CA TYR B 33 -17.42 8.10 -17.38
C TYR B 33 -16.01 7.80 -16.87
N ASP B 34 -15.54 6.56 -17.08
CA ASP B 34 -14.18 6.08 -16.69
C ASP B 34 -13.11 7.04 -17.23
N ARG B 35 -13.14 7.37 -18.52
CA ARG B 35 -12.22 8.37 -19.14
C ARG B 35 -12.27 9.68 -18.33
N LEU B 36 -13.46 10.17 -17.98
CA LEU B 36 -13.57 11.45 -17.25
C LEU B 36 -12.96 11.32 -15.85
N TYR B 37 -13.16 10.19 -15.17
CA TYR B 37 -12.61 9.94 -13.81
C TYR B 37 -11.08 9.84 -13.85
N GLU B 38 -10.47 9.46 -14.98
CA GLU B 38 -8.98 9.50 -15.16
C GLU B 38 -8.58 10.97 -15.16
N ASP B 39 -9.23 11.77 -16.00
CA ASP B 39 -8.97 13.23 -16.14
C ASP B 39 -9.17 13.90 -14.77
N TYR B 40 -10.32 13.70 -14.12
CA TYR B 40 -10.61 14.21 -12.76
C TYR B 40 -9.45 13.88 -11.82
N THR B 41 -9.02 12.61 -11.75
CA THR B 41 -7.93 12.15 -10.84
C THR B 41 -6.60 12.81 -11.27
N ARG B 42 -6.28 12.74 -12.56
CA ARG B 42 -5.04 13.31 -13.14
C ARG B 42 -4.98 14.82 -12.85
N THR B 43 -6.11 15.49 -12.98
CA THR B 43 -6.20 16.97 -12.86
C THR B 43 -6.02 17.31 -11.39
N SER B 44 -6.61 16.53 -10.49
CA SER B 44 -6.49 16.68 -9.02
C SER B 44 -5.02 16.55 -8.60
N GLN B 45 -4.26 15.66 -9.23
CA GLN B 45 -2.82 15.41 -8.91
C GLN B 45 -2.01 16.59 -9.46
N GLU B 46 -2.39 17.15 -10.62
CA GLU B 46 -1.67 18.28 -11.25
C GLU B 46 -1.91 19.56 -10.45
N ILE B 47 -3.17 19.88 -10.17
CA ILE B 47 -3.54 21.07 -9.33
C ILE B 47 -2.75 21.02 -8.00
N GLN B 48 -2.72 19.88 -7.32
CA GLN B 48 -2.02 19.70 -6.01
C GLN B 48 -0.52 20.00 -6.19
N MET B 49 0.08 19.44 -7.24
CA MET B 49 1.49 19.69 -7.61
C MET B 49 1.72 21.19 -7.88
N LYS B 50 0.82 21.85 -8.62
CA LYS B 50 0.93 23.32 -8.88
C LYS B 50 0.82 24.10 -7.57
N ARG B 51 -0.05 23.69 -6.65
CA ARG B 51 -0.24 24.42 -5.37
C ARG B 51 1.04 24.36 -4.52
N THR B 52 1.74 23.21 -4.51
CA THR B 52 3.01 23.00 -3.77
C THR B 52 4.15 23.78 -4.48
N ALA B 53 4.18 23.78 -5.81
CA ALA B 53 5.11 24.59 -6.62
C ALA B 53 4.88 26.08 -6.32
N ILE B 54 3.64 26.53 -6.10
CA ILE B 54 3.35 27.95 -5.71
C ILE B 54 3.94 28.19 -4.32
N GLU B 55 3.71 27.28 -3.39
CA GLU B 55 4.36 27.32 -2.05
C GLU B 55 5.88 27.43 -2.23
N ALA B 56 6.49 26.64 -3.12
CA ALA B 56 7.95 26.61 -3.42
C ALA B 56 8.41 27.98 -3.95
N PHE B 57 7.60 28.63 -4.77
CA PHE B 57 7.86 30.02 -5.24
C PHE B 57 7.87 30.98 -4.04
N ASN B 58 6.85 30.88 -3.19
CA ASN B 58 6.64 31.80 -2.04
C ASN B 58 7.86 31.70 -1.13
N GLU B 59 8.29 30.47 -0.85
CA GLU B 59 9.42 30.14 0.04
C GLU B 59 10.71 30.64 -0.61
N THR B 60 10.82 30.56 -1.94
CA THR B 60 12.01 31.06 -2.69
C THR B 60 12.05 32.57 -2.56
N ILE B 61 10.92 33.25 -2.77
CA ILE B 61 10.81 34.73 -2.65
C ILE B 61 11.10 35.13 -1.18
N LYS B 62 10.62 34.37 -0.21
CA LYS B 62 10.84 34.72 1.21
C LYS B 62 12.36 34.86 1.43
N ILE B 63 13.20 33.95 0.90
CA ILE B 63 14.67 33.98 1.21
C ILE B 63 15.31 35.15 0.45
N PHE B 64 14.86 35.47 -0.76
CA PHE B 64 15.31 36.68 -1.50
C PHE B 64 15.01 37.96 -0.70
N GLU B 65 13.87 38.04 -0.03
CA GLU B 65 13.46 39.25 0.72
C GLU B 65 14.24 39.34 2.04
N GLU B 66 14.58 38.20 2.66
CA GLU B 66 15.55 38.15 3.79
C GLU B 66 16.92 38.66 3.37
N GLN B 67 17.42 38.21 2.23
CA GLN B 67 18.67 38.66 1.61
C GLN B 67 18.62 40.18 1.43
N CYS B 68 17.51 40.74 0.93
CA CYS B 68 17.38 42.23 0.81
C CYS B 68 17.53 42.84 2.19
N GLN B 69 16.78 42.33 3.16
CA GLN B 69 16.81 42.84 4.56
C GLN B 69 18.27 42.78 5.02
N THR B 70 18.94 41.64 4.83
CA THR B 70 20.36 41.43 5.22
C THR B 70 21.23 42.49 4.54
N GLN B 71 21.05 42.66 3.23
CA GLN B 71 21.85 43.59 2.43
C GLN B 71 21.69 45.01 2.99
N GLU B 72 20.49 45.46 3.32
CA GLU B 72 20.25 46.86 3.80
C GLU B 72 20.76 47.05 5.23
N ARG B 73 20.59 46.08 6.12
CA ARG B 73 21.11 46.16 7.50
C ARG B 73 22.63 46.09 7.47
N TYR B 74 23.18 45.08 6.81
CA TYR B 74 24.62 44.78 6.84
C TYR B 74 25.41 45.84 6.07
N SER B 75 24.86 46.37 4.97
CA SER B 75 25.53 47.42 4.16
C SER B 75 25.62 48.69 5.00
N LYS B 76 24.48 49.24 5.42
CA LYS B 76 24.35 50.55 6.13
C LYS B 76 25.46 50.70 7.19
N GLU B 77 25.46 49.84 8.21
CA GLU B 77 26.37 49.88 9.40
C GLU B 77 27.85 49.79 9.00
N TYR B 78 28.12 49.44 7.74
CA TYR B 78 29.47 49.33 7.14
C TYR B 78 29.76 50.58 6.30
N ILE B 79 28.79 50.96 5.46
CA ILE B 79 28.98 51.80 4.23
C ILE B 79 29.31 53.25 4.58
N GLU B 80 29.20 53.64 5.85
CA GLU B 80 29.67 54.96 6.37
C GLU B 80 31.13 55.20 5.96
N LYS B 81 31.94 54.14 5.76
CA LYS B 81 33.38 54.24 5.34
C LYS B 81 33.46 54.80 3.90
N PHE B 82 33.35 56.13 3.80
CA PHE B 82 33.46 56.98 2.59
C PHE B 82 34.15 58.31 2.90
N GLY B 86 37.66 56.94 1.61
CA GLY B 86 36.96 57.68 0.54
C GLY B 86 36.57 56.83 -0.67
N ASN B 87 36.20 55.56 -0.46
CA ASN B 87 35.91 54.60 -1.55
C ASN B 87 34.42 54.76 -1.91
N GLU B 88 34.13 55.68 -2.84
CA GLU B 88 32.84 55.77 -3.59
C GLU B 88 32.75 54.60 -4.57
N THR B 89 33.87 53.91 -4.83
CA THR B 89 33.99 52.76 -5.76
C THR B 89 33.36 51.48 -5.17
N GLU B 90 33.78 51.06 -3.95
CA GLU B 90 33.21 49.92 -3.19
C GLU B 90 31.68 50.08 -3.09
N ILE B 91 31.18 51.32 -2.91
CA ILE B 91 29.75 51.66 -2.67
C ILE B 91 28.92 51.32 -3.93
N GLN B 92 29.37 51.75 -5.11
CA GLN B 92 28.62 51.54 -6.38
C GLN B 92 28.59 50.04 -6.70
N ARG B 93 29.66 49.31 -6.36
CA ARG B 93 29.72 47.84 -6.55
C ARG B 93 28.64 47.18 -5.69
N ILE B 94 28.58 47.58 -4.41
CA ILE B 94 27.60 47.08 -3.40
C ILE B 94 26.18 47.39 -3.88
N MET B 95 25.94 48.56 -4.49
CA MET B 95 24.58 49.00 -4.87
C MET B 95 24.14 48.25 -6.12
N HIS B 96 24.99 48.25 -7.15
CA HIS B 96 24.71 47.59 -8.45
C HIS B 96 24.40 46.11 -8.19
N ASN B 97 25.19 45.47 -7.30
CA ASN B 97 25.02 44.06 -6.88
C ASN B 97 23.60 43.88 -6.27
N TYR B 98 23.20 44.81 -5.41
CA TYR B 98 21.86 44.87 -4.76
C TYR B 98 20.78 45.17 -5.81
N GLU B 99 21.02 46.02 -6.81
CA GLU B 99 20.04 46.24 -7.91
C GLU B 99 19.91 44.94 -8.69
N LYS B 100 21.01 44.18 -8.83
CA LYS B 100 21.03 42.91 -9.60
C LYS B 100 20.12 41.89 -8.88
N LEU B 101 20.21 41.80 -7.55
CA LEU B 101 19.34 40.95 -6.70
C LEU B 101 17.86 41.34 -6.86
N LYS B 102 17.51 42.62 -6.65
CA LYS B 102 16.14 43.18 -6.81
C LYS B 102 15.55 42.76 -8.16
N SER B 103 16.31 42.94 -9.24
CA SER B 103 15.92 42.62 -10.63
C SER B 103 15.57 41.12 -10.75
N ARG B 104 16.24 40.26 -10.00
CA ARG B 104 16.04 38.79 -10.09
C ARG B 104 14.73 38.36 -9.37
N ILE B 105 14.36 39.03 -8.28
CA ILE B 105 13.08 38.78 -7.55
C ILE B 105 11.92 38.97 -8.54
N SER B 106 11.89 40.09 -9.25
CA SER B 106 10.87 40.41 -10.28
C SER B 106 10.72 39.25 -11.29
N GLU B 107 11.81 38.58 -11.68
CA GLU B 107 11.74 37.46 -12.65
C GLU B 107 11.00 36.31 -11.97
N ILE B 108 11.43 35.99 -10.75
CA ILE B 108 10.83 34.91 -9.92
C ILE B 108 9.35 35.26 -9.68
N VAL B 109 9.02 36.51 -9.32
CA VAL B 109 7.61 36.96 -9.08
C VAL B 109 6.80 36.75 -10.35
N ASP B 110 7.38 37.15 -11.48
CA ASP B 110 6.75 37.03 -12.82
C ASP B 110 6.41 35.55 -13.05
N SER B 111 7.35 34.64 -12.78
CA SER B 111 7.21 33.17 -13.00
C SER B 111 6.11 32.62 -12.08
N ARG B 112 6.14 32.99 -10.80
CA ARG B 112 5.07 32.60 -9.83
C ARG B 112 3.71 33.05 -10.33
N ARG B 113 3.60 34.28 -10.85
CA ARG B 113 2.31 34.81 -11.36
C ARG B 113 1.86 33.95 -12.54
N ARG B 114 2.78 33.57 -13.45
CA ARG B 114 2.49 32.75 -14.67
C ARG B 114 1.85 31.43 -14.22
N LEU B 115 2.49 30.75 -13.26
CA LEU B 115 1.99 29.47 -12.68
C LEU B 115 0.61 29.70 -12.03
N GLU B 116 0.37 30.81 -11.30
CA GLU B 116 -0.93 31.14 -10.65
C GLU B 116 -2.04 31.20 -11.71
N GLU B 117 -1.73 31.66 -12.92
CA GLU B 117 -2.69 31.77 -14.03
C GLU B 117 -2.99 30.37 -14.57
N ASP B 118 -1.98 29.52 -14.72
CA ASP B 118 -2.19 28.11 -15.19
C ASP B 118 -3.19 27.44 -14.25
N LEU B 119 -2.93 27.51 -12.95
CA LEU B 119 -3.72 26.88 -11.87
C LEU B 119 -5.15 27.42 -11.90
N LYS B 120 -5.31 28.70 -12.25
CA LYS B 120 -6.66 29.35 -12.28
C LYS B 120 -7.44 28.69 -13.42
N LYS B 121 -6.79 28.52 -14.56
CA LYS B 121 -7.31 27.80 -15.73
C LYS B 121 -7.58 26.32 -15.38
N GLN B 122 -6.63 25.61 -14.77
CA GLN B 122 -6.76 24.16 -14.51
C GLN B 122 -7.78 23.92 -13.39
N ALA B 123 -8.01 24.89 -12.51
CA ALA B 123 -9.07 24.85 -11.48
C ALA B 123 -10.43 24.84 -12.18
N ALA B 124 -10.55 25.56 -13.29
CA ALA B 124 -11.79 25.69 -14.09
C ALA B 124 -12.00 24.40 -14.87
N GLU B 125 -10.94 23.83 -15.45
CA GLU B 125 -10.99 22.51 -16.14
C GLU B 125 -11.49 21.50 -15.12
N TYR B 126 -10.86 21.42 -13.94
CA TYR B 126 -11.30 20.48 -12.87
C TYR B 126 -12.83 20.57 -12.71
N ARG B 127 -13.38 21.78 -12.61
CA ARG B 127 -14.80 22.04 -12.29
C ARG B 127 -15.72 21.62 -13.46
N GLU B 128 -15.23 21.75 -14.70
CA GLU B 128 -15.92 21.29 -15.92
C GLU B 128 -15.98 19.75 -15.94
N ILE B 129 -14.85 19.05 -15.77
CA ILE B 129 -14.80 17.55 -15.73
C ILE B 129 -15.89 17.07 -14.75
N ASP B 130 -15.85 17.53 -13.51
CA ASP B 130 -16.84 17.20 -12.44
C ASP B 130 -18.26 17.55 -12.88
N LYS B 131 -18.44 18.64 -13.62
CA LYS B 131 -19.77 19.05 -14.16
C LYS B 131 -20.19 17.99 -15.17
N ARG B 132 -19.32 17.71 -16.14
CA ARG B 132 -19.61 16.73 -17.22
C ARG B 132 -19.81 15.34 -16.60
N MET B 133 -19.11 15.03 -15.52
CA MET B 133 -19.26 13.75 -14.80
C MET B 133 -20.67 13.71 -14.22
N ASN B 134 -21.17 14.83 -13.70
CA ASN B 134 -22.43 14.84 -12.91
C ASN B 134 -23.66 14.91 -13.81
N SER B 135 -23.48 15.19 -15.10
CA SER B 135 -24.55 15.22 -16.12
C SER B 135 -24.61 13.86 -16.86
N ILE B 136 -23.62 12.98 -16.66
CA ILE B 136 -23.50 11.62 -17.28
C ILE B 136 -24.04 10.56 -16.30
N LYS B 137 -23.87 10.77 -14.99
CA LYS B 137 -24.33 9.82 -13.94
C LYS B 137 -25.78 9.39 -14.14
N PRO B 138 -26.78 10.28 -14.33
CA PRO B 138 -28.18 9.85 -14.46
C PRO B 138 -28.40 8.86 -15.61
N ASP B 139 -27.81 9.15 -16.76
CA ASP B 139 -27.80 8.27 -17.96
C ASP B 139 -27.25 6.91 -17.54
N LEU B 140 -26.06 6.92 -16.94
CA LEU B 140 -25.28 5.71 -16.59
C LEU B 140 -26.13 4.84 -15.67
N ILE B 141 -26.66 5.45 -14.61
CA ILE B 141 -27.48 4.75 -13.58
C ILE B 141 -28.79 4.26 -14.22
N GLN B 142 -29.53 5.12 -14.92
CA GLN B 142 -30.77 4.72 -15.63
C GLN B 142 -30.43 3.55 -16.56
N LEU B 143 -29.38 3.68 -17.38
CA LEU B 143 -28.91 2.60 -18.31
C LEU B 143 -28.53 1.30 -17.59
N ARG B 144 -28.07 1.34 -16.33
CA ARG B 144 -27.77 0.11 -15.57
C ARG B 144 -29.08 -0.52 -15.11
N LYS B 145 -29.96 0.26 -14.50
CA LYS B 145 -31.23 -0.21 -13.90
C LYS B 145 -32.14 -0.78 -15.00
N THR B 146 -32.16 -0.14 -16.17
CA THR B 146 -32.89 -0.63 -17.37
C THR B 146 -32.32 -1.98 -17.79
N ARG B 147 -31.02 -2.06 -17.96
CA ARG B 147 -30.32 -3.31 -18.32
C ARG B 147 -30.78 -4.40 -17.34
N ASP B 148 -30.75 -4.12 -16.04
CA ASP B 148 -31.14 -5.09 -14.97
C ASP B 148 -32.65 -5.44 -15.06
N GLN B 149 -33.55 -4.49 -15.31
CA GLN B 149 -35.00 -4.77 -15.48
C GLN B 149 -35.21 -5.83 -16.58
N TYR B 150 -34.50 -5.73 -17.70
CA TYR B 150 -34.66 -6.61 -18.91
C TYR B 150 -34.10 -8.01 -18.63
N LEU B 151 -32.94 -8.12 -17.99
CA LEU B 151 -32.41 -9.41 -17.45
C LEU B 151 -33.47 -10.10 -16.58
N MET B 152 -34.03 -9.38 -15.59
CA MET B 152 -34.98 -9.93 -14.58
C MET B 152 -36.21 -10.45 -15.32
N TRP B 153 -36.75 -9.65 -16.23
CA TRP B 153 -37.87 -10.07 -17.10
C TRP B 153 -37.53 -11.37 -17.84
N LEU B 154 -36.36 -11.46 -18.49
CA LEU B 154 -36.04 -12.66 -19.32
C LEU B 154 -35.82 -13.87 -18.41
N THR B 155 -35.16 -13.71 -17.27
CA THR B 155 -34.93 -14.80 -16.28
C THR B 155 -36.29 -15.34 -15.78
N GLN B 156 -37.20 -14.47 -15.36
CA GLN B 156 -38.61 -14.81 -15.00
C GLN B 156 -39.25 -15.61 -16.14
N LYS B 157 -39.14 -15.13 -17.38
CA LYS B 157 -39.68 -15.84 -18.57
C LYS B 157 -38.96 -17.17 -18.78
N GLY B 158 -37.88 -17.44 -18.08
CA GLY B 158 -37.20 -18.75 -18.09
C GLY B 158 -36.27 -18.84 -19.30
N VAL B 159 -35.72 -17.73 -19.75
CA VAL B 159 -34.68 -17.73 -20.82
C VAL B 159 -33.38 -18.29 -20.25
N ARG B 160 -32.73 -19.18 -21.00
CA ARG B 160 -31.52 -19.94 -20.58
C ARG B 160 -30.34 -18.97 -20.47
N GLN B 161 -29.45 -19.20 -19.50
CA GLN B 161 -28.24 -18.35 -19.25
C GLN B 161 -27.37 -18.13 -20.51
N LYS B 162 -27.29 -19.11 -21.41
CA LYS B 162 -26.44 -19.02 -22.65
C LYS B 162 -27.02 -18.02 -23.67
N LYS B 163 -28.32 -17.78 -23.68
CA LYS B 163 -28.97 -16.83 -24.64
C LYS B 163 -28.72 -15.44 -24.07
N LEU B 164 -28.86 -15.33 -22.75
CA LEU B 164 -28.56 -14.09 -22.00
C LEU B 164 -27.10 -13.71 -22.23
N ASN B 165 -26.17 -14.64 -22.02
CA ASN B 165 -24.71 -14.43 -22.26
C ASN B 165 -24.49 -13.81 -23.64
N GLU B 166 -25.01 -14.40 -24.71
CA GLU B 166 -24.76 -13.86 -26.08
C GLU B 166 -25.40 -12.47 -26.31
N TRP B 167 -26.47 -12.10 -25.59
CA TRP B 167 -27.06 -10.74 -25.68
C TRP B 167 -26.18 -9.75 -24.91
N LEU B 168 -25.40 -10.21 -23.92
CA LEU B 168 -24.45 -9.38 -23.14
C LEU B 168 -23.03 -9.48 -23.75
N GLY B 169 -22.90 -9.14 -25.03
CA GLY B 169 -21.62 -9.25 -25.76
C GLY B 169 -21.82 -9.03 -27.26
#